data_9FKK
#
_entry.id   9FKK
#
_cell.length_a   169.924
_cell.length_b   81.458
_cell.length_c   79.620
_cell.angle_alpha   90.000
_cell.angle_beta   91.654
_cell.angle_gamma   90.000
#
_symmetry.space_group_name_H-M   'C 1 2 1'
#
loop_
_entity.id
_entity.type
_entity.pdbx_description
1 polymer Beta-xylanase
2 branched beta-D-xylopyranose-(1-4)-beta-D-xylopyranose-(1-4)-beta-D-xylopyranose-(1-4)-1-fluoro-D-xylopyranose
3 branched beta-D-xylopyranose-(1-4)-1-fluoro-D-xylopyranose
4 non-polymer 'SODIUM ION'
5 water water
#
_entity_poly.entity_id   1
_entity_poly.type   'polypeptide(L)'
_entity_poly.pdbx_seq_one_letter_code
;MNSSLPSLRDVFANDFRIGAAVNPVTIEMQKQLLIDHVNSITAENHMKFEHLQPEEGKFTFQEADRIVDFACSHRMAVRG
HTLVWHNQTPDWVFQDGQGHFVSRDVLLERMKCHISTVVRRYKGKIYCWDVINEAVADEGNELLRPSKWRQIIGDDFMEQ
AFLYAYEADPDALLFYNDYNECFPEKREKIFALVKSLRDKGIPIHGIGMQAHWSLTRPSLDEIRAAIERYASLGVVLHIT
GLDVSMFEFHDRRTDLAAPTSEMIERQAERYGQIFALFKEYRDVIQSVTFWGIADDHTWLDNFPVHGRKNWPLLFDEQHK
PKPAFWRAVSV
;
_entity_poly.pdbx_strand_id   A,B
#
# COMPACT_ATOMS: atom_id res chain seq x y z
N ASN A 2 -6.24 -6.70 -12.26
CA ASN A 2 -7.60 -6.82 -12.77
C ASN A 2 -8.66 -6.12 -11.92
N SER A 3 -9.70 -6.89 -11.56
CA SER A 3 -10.89 -6.32 -10.92
C SER A 3 -10.55 -5.71 -9.57
N SER A 4 -9.71 -6.39 -8.79
CA SER A 4 -9.45 -6.01 -7.41
C SER A 4 -8.38 -4.94 -7.26
N LEU A 5 -7.81 -4.43 -8.38
CA LEU A 5 -6.78 -3.41 -8.32
C LEU A 5 -7.38 -2.04 -7.99
N PRO A 6 -6.79 -1.28 -7.08
CA PRO A 6 -7.28 0.09 -6.85
C PRO A 6 -7.00 1.00 -8.05
N SER A 7 -7.83 2.03 -8.18
CA SER A 7 -7.73 2.97 -9.29
C SER A 7 -7.02 4.24 -8.82
N LEU A 8 -5.91 4.58 -9.50
CA LEU A 8 -5.07 5.70 -9.09
C LEU A 8 -5.88 6.96 -8.82
N ARG A 9 -6.82 7.29 -9.72
CA ARG A 9 -7.55 8.55 -9.55
C ARG A 9 -8.50 8.49 -8.36
N ASP A 10 -9.06 7.31 -8.08
CA ASP A 10 -9.88 7.15 -6.87
C ASP A 10 -9.02 7.25 -5.62
N VAL A 11 -7.91 6.52 -5.58
CA VAL A 11 -7.02 6.57 -4.42
C VAL A 11 -6.70 8.01 -4.06
N PHE A 12 -6.45 8.85 -5.07
CA PHE A 12 -6.06 10.24 -4.82
C PHE A 12 -7.20 11.23 -5.07
N ALA A 13 -8.45 10.73 -5.11
CA ALA A 13 -9.63 11.56 -5.32
C ALA A 13 -9.60 12.87 -4.55
N ASN A 14 -9.19 12.81 -3.29
CA ASN A 14 -9.24 13.98 -2.40
C ASN A 14 -7.94 14.75 -2.35
N ASP A 15 -6.94 14.33 -3.15
CA ASP A 15 -5.61 14.92 -3.08
C ASP A 15 -5.25 15.69 -4.35
N PHE A 16 -5.27 15.03 -5.52
CA PHE A 16 -4.96 15.67 -6.78
C PHE A 16 -5.44 14.77 -7.92
N ARG A 17 -5.59 15.36 -9.09
CA ARG A 17 -5.82 14.55 -10.28
C ARG A 17 -4.59 13.70 -10.60
N ILE A 18 -4.84 12.63 -11.36
CA ILE A 18 -3.80 11.75 -11.88
C ILE A 18 -3.87 11.78 -13.39
N GLY A 19 -2.74 12.06 -14.05
CA GLY A 19 -2.70 12.25 -15.48
C GLY A 19 -1.70 11.33 -16.16
N ALA A 20 -1.73 11.33 -17.50
CA ALA A 20 -0.78 10.62 -18.34
C ALA A 20 -0.59 11.37 -19.66
N ALA A 21 0.65 11.35 -20.15
CA ALA A 21 0.96 11.89 -21.47
C ALA A 21 0.73 10.80 -22.50
N VAL A 22 0.08 11.16 -23.62
CA VAL A 22 -0.38 10.20 -24.63
C VAL A 22 -0.14 10.78 -26.02
N ASN A 23 -0.24 9.90 -27.02
CA ASN A 23 -0.46 10.23 -28.41
C ASN A 23 -1.54 9.29 -28.94
N PRO A 24 -2.01 9.49 -30.18
CA PRO A 24 -3.10 8.61 -30.66
C PRO A 24 -2.75 7.13 -30.69
N VAL A 25 -1.51 6.78 -31.03
CA VAL A 25 -1.05 5.39 -30.94
C VAL A 25 -1.15 4.85 -29.50
N THR A 26 -0.53 5.54 -28.54
CA THR A 26 -0.51 4.98 -27.18
C THR A 26 -1.88 5.01 -26.53
N ILE A 27 -2.75 5.95 -26.92
CA ILE A 27 -4.14 5.86 -26.46
C ILE A 27 -4.74 4.50 -26.84
N GLU A 28 -4.50 4.04 -28.07
CA GLU A 28 -4.98 2.73 -28.49
C GLU A 28 -4.28 1.62 -27.74
N MET A 29 -2.95 1.68 -27.71
CA MET A 29 -2.13 0.61 -27.12
C MET A 29 -2.34 0.48 -25.61
N GLN A 30 -2.74 1.55 -24.92
CA GLN A 30 -2.85 1.52 -23.46
C GLN A 30 -4.23 1.96 -22.99
N LYS A 31 -5.24 1.78 -23.85
CA LYS A 31 -6.55 2.36 -23.58
C LYS A 31 -7.10 1.96 -22.22
N GLN A 32 -6.98 0.68 -21.84
CA GLN A 32 -7.63 0.22 -20.61
C GLN A 32 -6.98 0.81 -19.38
N LEU A 33 -5.63 0.91 -19.37
CA LEU A 33 -4.94 1.51 -18.23
C LEU A 33 -5.42 2.94 -18.00
N LEU A 34 -5.47 3.73 -19.08
CA LEU A 34 -5.95 5.10 -19.02
C LEU A 34 -7.37 5.16 -18.50
N ILE A 35 -8.27 4.36 -19.09
CA ILE A 35 -9.66 4.33 -18.66
C ILE A 35 -9.76 3.92 -17.18
N ASP A 36 -8.89 3.01 -16.74
CA ASP A 36 -9.02 2.54 -15.35
C ASP A 36 -8.40 3.49 -14.33
N HIS A 37 -7.45 4.35 -14.71
CA HIS A 37 -6.64 5.01 -13.68
C HIS A 37 -6.60 6.54 -13.72
N VAL A 38 -6.65 7.18 -14.91
CA VAL A 38 -6.36 8.62 -15.00
C VAL A 38 -7.65 9.42 -15.14
N ASN A 39 -7.64 10.66 -14.62
CA ASN A 39 -8.69 11.63 -14.92
C ASN A 39 -8.10 12.88 -15.55
N SER A 40 -6.94 12.76 -16.19
CA SER A 40 -6.30 13.89 -16.83
C SER A 40 -5.38 13.38 -17.92
N ILE A 41 -5.30 14.14 -19.02
CA ILE A 41 -4.53 13.75 -20.21
C ILE A 41 -3.68 14.93 -20.66
N THR A 42 -2.46 14.64 -21.11
CA THR A 42 -1.59 15.62 -21.75
C THR A 42 -1.10 15.01 -23.06
N ALA A 43 -0.97 15.84 -24.11
CA ALA A 43 -0.39 15.38 -25.36
C ALA A 43 1.12 15.38 -25.23
N GLU A 44 1.73 14.21 -25.44
CA GLU A 44 3.18 14.10 -25.33
C GLU A 44 3.89 14.97 -26.37
N ASN A 45 3.35 15.04 -27.59
CA ASN A 45 4.01 15.81 -28.65
C ASN A 45 3.06 16.60 -29.52
N HIS A 46 1.80 16.22 -29.63
CA HIS A 46 0.96 16.67 -30.73
C HIS A 46 0.25 18.00 -30.46
N MET A 47 0.65 18.72 -29.41
CA MET A 47 0.22 20.08 -29.21
C MET A 47 1.42 21.02 -29.11
N LYS A 48 2.60 20.54 -29.48
CA LYS A 48 3.72 21.46 -29.60
C LYS A 48 3.65 22.16 -30.96
N PHE A 49 4.42 23.26 -31.08
CA PHE A 49 4.28 24.13 -32.24
C PHE A 49 4.42 23.37 -33.55
N GLU A 50 5.42 22.47 -33.64
CA GLU A 50 5.70 21.80 -34.91
C GLU A 50 4.59 20.85 -35.33
N HIS A 51 3.74 20.41 -34.40
CA HIS A 51 2.65 19.52 -34.76
C HIS A 51 1.32 20.25 -34.91
N LEU A 52 1.28 21.55 -34.68
CA LEU A 52 0.06 22.34 -34.83
C LEU A 52 0.12 23.30 -36.00
N GLN A 53 1.26 23.95 -36.25
CA GLN A 53 1.43 24.86 -37.39
C GLN A 53 2.79 24.60 -38.03
N PRO A 54 2.92 23.48 -38.74
CA PRO A 54 4.23 23.14 -39.33
C PRO A 54 4.71 24.14 -40.37
N GLU A 55 3.80 24.77 -41.13
CA GLU A 55 4.09 25.89 -42.02
C GLU A 55 3.15 27.03 -41.66
N GLU A 56 3.55 28.25 -42.00
CA GLU A 56 2.73 29.40 -41.62
C GLU A 56 1.37 29.33 -42.29
N GLY A 57 0.31 29.45 -41.49
CA GLY A 57 -1.06 29.35 -41.99
C GLY A 57 -1.57 27.94 -42.23
N LYS A 58 -0.72 26.91 -42.09
CA LYS A 58 -1.15 25.52 -42.19
C LYS A 58 -1.26 24.93 -40.78
N PHE A 59 -2.51 24.72 -40.33
CA PHE A 59 -2.77 24.17 -39.01
C PHE A 59 -3.20 22.72 -39.15
N THR A 60 -2.51 21.83 -38.41
CA THR A 60 -2.75 20.40 -38.44
C THR A 60 -3.25 19.97 -37.06
N PHE A 61 -4.56 20.10 -36.82
CA PHE A 61 -5.15 19.79 -35.53
C PHE A 61 -5.60 18.34 -35.39
N GLN A 62 -5.38 17.50 -36.40
CA GLN A 62 -6.07 16.20 -36.43
C GLN A 62 -5.71 15.35 -35.21
N GLU A 63 -4.41 15.11 -34.99
CA GLU A 63 -3.98 14.26 -33.88
C GLU A 63 -4.36 14.85 -32.51
N ALA A 64 -4.15 16.16 -32.32
CA ALA A 64 -4.56 16.82 -31.08
C ALA A 64 -6.05 16.69 -30.84
N ASP A 65 -6.86 16.78 -31.90
CA ASP A 65 -8.31 16.59 -31.79
C ASP A 65 -8.64 15.18 -31.28
N ARG A 66 -7.94 14.16 -31.78
CA ARG A 66 -8.21 12.79 -31.34
C ARG A 66 -7.96 12.64 -29.85
N ILE A 67 -6.83 13.18 -29.38
CA ILE A 67 -6.49 13.18 -27.96
C ILE A 67 -7.58 13.84 -27.14
N VAL A 68 -7.99 15.06 -27.52
CA VAL A 68 -9.03 15.77 -26.79
C VAL A 68 -10.34 15.02 -26.82
N ASP A 69 -10.67 14.42 -27.97
CA ASP A 69 -11.92 13.67 -28.08
C ASP A 69 -11.92 12.46 -27.13
N PHE A 70 -10.80 11.74 -27.10
CA PHE A 70 -10.67 10.65 -26.15
C PHE A 70 -10.93 11.13 -24.72
N ALA A 71 -10.24 12.20 -24.31
CA ALA A 71 -10.39 12.69 -22.93
C ALA A 71 -11.83 13.06 -22.61
N CYS A 72 -12.48 13.79 -23.52
CA CYS A 72 -13.84 14.24 -23.26
C CYS A 72 -14.82 13.08 -23.24
N SER A 73 -14.56 12.04 -24.01
CA SER A 73 -15.47 10.90 -24.00
C SER A 73 -15.27 10.01 -22.76
N HIS A 74 -14.26 10.27 -21.93
CA HIS A 74 -14.03 9.48 -20.72
C HIS A 74 -13.90 10.35 -19.48
N ARG A 75 -14.53 11.53 -19.47
CA ARG A 75 -14.57 12.40 -18.28
C ARG A 75 -13.17 12.75 -17.77
N MET A 76 -12.21 12.96 -18.66
CA MET A 76 -10.86 13.32 -18.25
C MET A 76 -10.58 14.78 -18.60
N ALA A 77 -9.94 15.52 -17.68
CA ALA A 77 -9.43 16.85 -17.98
C ALA A 77 -8.25 16.75 -18.96
N VAL A 78 -7.86 17.91 -19.52
CA VAL A 78 -6.76 18.00 -20.47
C VAL A 78 -5.84 19.18 -20.13
N ARG A 79 -4.54 18.91 -20.04
CA ARG A 79 -3.54 19.95 -19.95
C ARG A 79 -2.99 20.20 -21.34
N GLY A 80 -2.86 21.47 -21.71
CA GLY A 80 -2.32 21.83 -23.01
C GLY A 80 -0.83 22.04 -22.92
N HIS A 81 -0.08 21.40 -23.82
CA HIS A 81 1.39 21.41 -23.79
C HIS A 81 1.88 21.39 -25.23
N THR A 82 2.61 22.42 -25.69
CA THR A 82 3.01 23.63 -24.98
C THR A 82 3.12 24.75 -26.05
N LEU A 83 2.94 26.03 -25.67
CA LEU A 83 2.86 27.12 -26.65
C LEU A 83 4.23 27.66 -27.07
N VAL A 84 5.05 28.12 -26.12
CA VAL A 84 6.30 28.81 -26.44
C VAL A 84 7.46 28.03 -25.81
N TRP A 85 8.40 27.58 -26.64
CA TRP A 85 9.46 26.68 -26.22
C TRP A 85 10.61 26.80 -27.21
N HIS A 86 11.85 26.68 -26.72
CA HIS A 86 13.03 26.67 -27.58
C HIS A 86 13.16 25.40 -28.43
N ASN A 87 12.37 24.36 -28.15
CA ASN A 87 12.45 23.13 -28.93
C ASN A 87 11.18 22.91 -29.75
N GLN A 88 11.31 22.03 -30.75
CA GLN A 88 10.17 21.55 -31.53
C GLN A 88 9.29 22.70 -32.05
N THR A 89 9.96 23.77 -32.48
CA THR A 89 9.34 24.90 -33.15
C THR A 89 9.98 25.03 -34.52
N PRO A 90 9.21 25.04 -35.61
CA PRO A 90 9.82 25.07 -36.95
C PRO A 90 10.55 26.38 -37.23
N ASP A 91 11.46 26.31 -38.20
CA ASP A 91 12.34 27.44 -38.50
C ASP A 91 11.58 28.64 -39.05
N TRP A 92 10.44 28.40 -39.73
CA TRP A 92 9.76 29.50 -40.41
C TRP A 92 9.34 30.58 -39.43
N VAL A 93 9.10 30.22 -38.18
CA VAL A 93 8.58 31.15 -37.18
C VAL A 93 9.53 32.33 -36.97
N PHE A 94 10.82 32.11 -37.15
CA PHE A 94 11.81 33.14 -36.85
C PHE A 94 12.38 33.79 -38.11
N GLN A 95 11.96 33.35 -39.30
CA GLN A 95 12.55 33.76 -40.57
C GLN A 95 11.60 34.59 -41.42
N ASP A 96 12.17 35.43 -42.28
CA ASP A 96 11.42 36.10 -43.34
C ASP A 96 11.62 35.32 -44.65
N GLY A 97 11.17 35.88 -45.77
CA GLY A 97 11.31 35.18 -47.03
C GLY A 97 12.76 34.99 -47.47
N GLN A 98 13.67 35.84 -46.98
CA GLN A 98 15.06 35.82 -47.43
C GLN A 98 15.99 35.11 -46.45
N GLY A 99 15.45 34.36 -45.49
CA GLY A 99 16.25 33.56 -44.58
C GLY A 99 16.77 34.28 -43.34
N HIS A 100 16.61 35.61 -43.27
CA HIS A 100 17.06 36.38 -42.12
C HIS A 100 16.01 36.33 -40.99
N PHE A 101 16.44 36.71 -39.80
CA PHE A 101 15.52 36.75 -38.67
C PHE A 101 14.51 37.89 -38.82
N VAL A 102 13.31 37.67 -38.28
CA VAL A 102 12.25 38.66 -38.31
C VAL A 102 12.46 39.65 -37.17
N SER A 103 11.66 40.72 -37.14
CA SER A 103 11.76 41.74 -36.11
C SER A 103 10.95 41.34 -34.88
N ARG A 104 11.17 42.10 -33.80
CA ARG A 104 10.39 41.94 -32.58
C ARG A 104 8.90 41.95 -32.88
N ASP A 105 8.43 42.96 -33.61
CA ASP A 105 6.99 43.09 -33.81
C ASP A 105 6.41 41.99 -34.69
N VAL A 106 7.18 41.50 -35.66
CA VAL A 106 6.71 40.42 -36.50
C VAL A 106 6.61 39.12 -35.70
N LEU A 107 7.65 38.79 -34.94
CA LEU A 107 7.59 37.57 -34.13
C LEU A 107 6.43 37.64 -33.13
N LEU A 108 6.13 38.83 -32.60
CA LEU A 108 5.01 38.94 -31.67
C LEU A 108 3.68 38.64 -32.37
N GLU A 109 3.51 39.08 -33.63
CA GLU A 109 2.26 38.77 -34.32
C GLU A 109 2.13 37.28 -34.59
N ARG A 110 3.22 36.63 -35.00
CA ARG A 110 3.17 35.18 -35.18
C ARG A 110 2.90 34.47 -33.86
N MET A 111 3.57 34.89 -32.78
CA MET A 111 3.24 34.34 -31.46
C MET A 111 1.76 34.54 -31.15
N LYS A 112 1.26 35.77 -31.27
CA LYS A 112 -0.14 36.03 -30.95
C LYS A 112 -1.07 35.21 -31.82
N CYS A 113 -0.78 35.12 -33.12
CA CYS A 113 -1.67 34.40 -34.02
C CYS A 113 -1.73 32.93 -33.66
N HIS A 114 -0.58 32.31 -33.39
CA HIS A 114 -0.53 30.90 -33.02
C HIS A 114 -1.28 30.66 -31.72
N ILE A 115 -0.94 31.43 -30.68
CA ILE A 115 -1.57 31.27 -29.37
C ILE A 115 -3.08 31.46 -29.47
N SER A 116 -3.52 32.46 -30.23
CA SER A 116 -4.94 32.72 -30.39
C SER A 116 -5.65 31.57 -31.11
N THR A 117 -5.08 31.09 -32.21
CA THR A 117 -5.73 30.04 -32.98
C THR A 117 -5.80 28.75 -32.17
N VAL A 118 -4.69 28.37 -31.54
CA VAL A 118 -4.64 27.12 -30.79
C VAL A 118 -5.55 27.17 -29.56
N VAL A 119 -5.44 28.22 -28.76
CA VAL A 119 -6.16 28.22 -27.47
C VAL A 119 -7.66 28.36 -27.69
N ARG A 120 -8.07 29.19 -28.65
CA ARG A 120 -9.50 29.37 -28.93
C ARG A 120 -10.14 28.06 -29.39
N ARG A 121 -9.41 27.24 -30.15
CA ARG A 121 -10.01 25.99 -30.64
C ARG A 121 -10.43 25.09 -29.49
N TYR A 122 -9.61 25.01 -28.44
CA TYR A 122 -9.88 24.10 -27.34
C TYR A 122 -10.40 24.82 -26.10
N LYS A 123 -10.74 26.10 -26.23
CA LYS A 123 -11.39 26.85 -25.17
C LYS A 123 -12.58 26.07 -24.61
N GLY A 124 -12.65 25.94 -23.29
CA GLY A 124 -13.73 25.20 -22.68
C GLY A 124 -13.61 23.69 -22.72
N LYS A 125 -12.57 23.15 -23.34
CA LYS A 125 -12.22 21.74 -23.18
C LYS A 125 -10.89 21.54 -22.48
N ILE A 126 -9.93 22.44 -22.71
CA ILE A 126 -8.62 22.38 -22.08
C ILE A 126 -8.61 23.40 -20.96
N TYR A 127 -8.33 22.95 -19.72
CA TYR A 127 -8.46 23.85 -18.58
C TYR A 127 -7.16 24.54 -18.17
N CYS A 128 -6.01 24.11 -18.68
CA CYS A 128 -4.78 24.87 -18.42
C CYS A 128 -3.78 24.64 -19.54
N TRP A 129 -2.76 25.52 -19.58
CA TRP A 129 -1.77 25.58 -20.65
C TRP A 129 -0.39 25.84 -20.05
N ASP A 130 0.58 25.01 -20.42
CA ASP A 130 1.98 25.37 -20.29
C ASP A 130 2.30 26.44 -21.34
N VAL A 131 2.19 27.71 -20.95
CA VAL A 131 2.43 28.80 -21.90
C VAL A 131 3.91 28.86 -22.28
N ILE A 132 4.79 28.96 -21.28
CA ILE A 132 6.24 29.01 -21.45
C ILE A 132 6.83 27.70 -20.94
N ASN A 133 7.72 27.09 -21.72
CA ASN A 133 8.38 25.85 -21.35
C ASN A 133 9.88 26.08 -21.27
N GLU A 134 10.47 25.83 -20.08
CA GLU A 134 11.91 25.65 -19.93
C GLU A 134 12.72 26.89 -20.36
N ALA A 135 12.23 28.08 -20.00
CA ALA A 135 12.92 29.31 -20.38
C ALA A 135 14.12 29.61 -19.50
N VAL A 136 14.12 29.13 -18.25
CA VAL A 136 15.23 29.38 -17.33
C VAL A 136 16.46 28.56 -17.76
N ALA A 137 17.64 29.12 -17.52
CA ALA A 137 18.89 28.41 -17.84
C ALA A 137 19.08 27.21 -16.92
N ASP A 138 19.46 26.06 -17.52
CA ASP A 138 19.72 24.82 -16.77
C ASP A 138 21.13 24.78 -16.17
N GLU A 139 22.04 25.63 -16.65
CA GLU A 139 23.40 25.68 -16.13
C GLU A 139 23.90 27.10 -16.22
N GLY A 140 24.98 27.38 -15.49
CA GLY A 140 25.61 28.69 -15.58
C GLY A 140 25.01 29.69 -14.62
N ASN A 141 25.45 30.94 -14.80
CA ASN A 141 25.06 32.03 -13.89
C ASN A 141 23.84 32.81 -14.38
N GLU A 142 23.47 32.68 -15.65
CA GLU A 142 22.42 33.52 -16.23
C GLU A 142 21.05 33.03 -15.79
N LEU A 143 20.09 33.96 -15.77
CA LEU A 143 18.71 33.60 -15.48
C LEU A 143 18.10 32.76 -16.61
N LEU A 144 18.23 33.25 -17.83
CA LEU A 144 17.49 32.72 -18.97
C LEU A 144 18.40 31.95 -19.91
N ARG A 145 17.89 30.84 -20.37
CA ARG A 145 18.38 30.12 -21.53
C ARG A 145 18.40 31.07 -22.73
N PRO A 146 19.29 30.87 -23.71
CA PRO A 146 19.13 31.57 -24.98
C PRO A 146 18.15 30.83 -25.88
N SER A 147 17.43 31.60 -26.69
CA SER A 147 16.45 31.07 -27.63
C SER A 147 16.10 32.16 -28.62
N LYS A 148 15.68 31.74 -29.82
CA LYS A 148 15.31 32.73 -30.84
C LYS A 148 14.12 33.56 -30.39
N TRP A 149 13.19 32.97 -29.64
CA TRP A 149 12.15 33.76 -28.99
C TRP A 149 12.76 34.93 -28.23
N ARG A 150 13.72 34.61 -27.35
CA ARG A 150 14.30 35.64 -26.49
C ARG A 150 15.20 36.58 -27.28
N GLN A 151 15.98 36.04 -28.23
CA GLN A 151 16.91 36.86 -29.00
C GLN A 151 16.17 37.88 -29.86
N ILE A 152 15.11 37.44 -30.55
CA ILE A 152 14.41 38.33 -31.46
C ILE A 152 13.52 39.31 -30.69
N ILE A 153 12.76 38.82 -29.71
CA ILE A 153 11.79 39.70 -29.04
C ILE A 153 12.46 40.50 -27.94
N GLY A 154 13.32 39.87 -27.14
CA GLY A 154 13.77 40.43 -25.88
C GLY A 154 13.25 39.63 -24.69
N ASP A 155 13.66 40.07 -23.50
CA ASP A 155 13.41 39.29 -22.29
C ASP A 155 11.96 39.35 -21.83
N ASP A 156 11.13 40.21 -22.42
CA ASP A 156 9.71 40.27 -22.11
C ASP A 156 8.86 39.40 -23.02
N PHE A 157 9.49 38.54 -23.84
CA PHE A 157 8.72 37.62 -24.67
C PHE A 157 7.77 36.77 -23.83
N MET A 158 8.14 36.45 -22.58
CA MET A 158 7.28 35.61 -21.75
C MET A 158 6.06 36.37 -21.25
N GLU A 159 6.22 37.64 -20.85
CA GLU A 159 5.06 38.43 -20.43
C GLU A 159 4.03 38.50 -21.54
N GLN A 160 4.50 38.74 -22.77
CA GLN A 160 3.62 38.81 -23.91
C GLN A 160 2.90 37.48 -24.11
N ALA A 161 3.64 36.37 -24.03
CA ALA A 161 3.02 35.05 -24.25
C ALA A 161 1.88 34.81 -23.28
N PHE A 162 2.10 35.12 -21.99
CA PHE A 162 1.05 34.94 -20.99
C PHE A 162 -0.15 35.84 -21.25
N LEU A 163 0.08 37.08 -21.70
CA LEU A 163 -1.03 37.99 -21.95
C LEU A 163 -1.82 37.59 -23.20
N TYR A 164 -1.12 37.13 -24.25
CA TYR A 164 -1.82 36.59 -25.42
C TYR A 164 -2.69 35.38 -25.04
N ALA A 165 -2.15 34.47 -24.23
CA ALA A 165 -2.93 33.28 -23.87
C ALA A 165 -4.15 33.66 -23.03
N TYR A 166 -3.96 34.57 -22.06
CA TYR A 166 -5.05 34.99 -21.19
C TYR A 166 -6.18 35.64 -21.98
N GLU A 167 -5.83 36.45 -22.99
CA GLU A 167 -6.84 37.07 -23.82
C GLU A 167 -7.60 36.04 -24.64
N ALA A 168 -6.90 35.02 -25.14
CA ALA A 168 -7.56 33.95 -25.90
C ALA A 168 -8.50 33.11 -25.01
N ASP A 169 -8.13 32.87 -23.75
CA ASP A 169 -9.02 32.16 -22.83
C ASP A 169 -8.72 32.59 -21.40
N PRO A 170 -9.43 33.61 -20.90
CA PRO A 170 -9.17 34.11 -19.55
C PRO A 170 -9.65 33.16 -18.44
N ASP A 171 -10.33 32.06 -18.77
CA ASP A 171 -10.70 31.06 -17.77
C ASP A 171 -9.68 29.95 -17.63
N ALA A 172 -8.67 29.91 -18.50
CA ALA A 172 -7.62 28.91 -18.38
C ALA A 172 -6.63 29.28 -17.27
N LEU A 173 -6.05 28.26 -16.64
CA LEU A 173 -4.91 28.45 -15.76
C LEU A 173 -3.63 28.38 -16.59
N LEU A 174 -2.77 29.39 -16.47
CA LEU A 174 -1.57 29.51 -17.28
C LEU A 174 -0.33 29.19 -16.46
N PHE A 175 0.56 28.36 -17.01
CA PHE A 175 1.68 27.77 -16.27
C PHE A 175 3.03 28.14 -16.87
N TYR A 176 4.02 28.33 -15.98
CA TYR A 176 5.43 28.18 -16.35
C TYR A 176 5.87 26.76 -16.00
N ASN A 177 6.45 26.04 -16.99
CA ASN A 177 6.77 24.61 -16.88
C ASN A 177 8.26 24.36 -17.07
N ASP A 178 8.87 23.56 -16.18
CA ASP A 178 10.32 23.36 -16.25
C ASP A 178 10.73 22.09 -15.52
N TYR A 179 11.96 21.66 -15.80
CA TYR A 179 12.59 20.47 -15.24
C TYR A 179 13.82 20.85 -14.41
N ASN A 180 14.35 19.88 -13.68
CA ASN A 180 15.39 20.12 -12.66
C ASN A 180 14.98 21.23 -11.71
N GLU A 181 13.66 21.34 -11.53
CA GLU A 181 13.01 22.35 -10.71
C GLU A 181 13.31 22.24 -9.21
N CYS A 182 13.92 21.15 -8.75
CA CYS A 182 14.24 21.02 -7.33
C CYS A 182 15.72 21.18 -7.02
N PHE A 183 16.56 21.38 -8.02
CA PHE A 183 17.95 21.70 -7.73
C PHE A 183 18.03 23.15 -7.27
N PRO A 184 18.63 23.42 -6.09
CA PRO A 184 18.44 24.73 -5.44
C PRO A 184 18.78 25.92 -6.31
N GLU A 185 19.89 25.85 -7.04
CA GLU A 185 20.30 26.98 -7.85
C GLU A 185 19.26 27.29 -8.91
N LYS A 186 18.72 26.26 -9.57
CA LYS A 186 17.71 26.49 -10.59
C LYS A 186 16.35 26.80 -9.98
N ARG A 187 16.07 26.25 -8.78
CA ARG A 187 14.86 26.60 -8.08
C ARG A 187 14.78 28.10 -7.82
N GLU A 188 15.90 28.72 -7.45
CA GLU A 188 15.89 30.13 -7.11
C GLU A 188 15.73 31.00 -8.37
N LYS A 189 16.24 30.53 -9.52
CA LYS A 189 15.99 31.21 -10.78
C LYS A 189 14.51 31.14 -11.15
N ILE A 190 13.92 29.95 -11.04
CA ILE A 190 12.49 29.79 -11.38
C ILE A 190 11.63 30.63 -10.46
N PHE A 191 11.90 30.55 -9.15
CA PHE A 191 11.23 31.39 -8.17
C PHE A 191 11.36 32.87 -8.53
N ALA A 192 12.58 33.33 -8.83
CA ALA A 192 12.79 34.75 -9.10
C ALA A 192 12.08 35.19 -10.36
N LEU A 193 12.10 34.37 -11.40
CA LEU A 193 11.41 34.71 -12.64
C LEU A 193 9.90 34.81 -12.42
N VAL A 194 9.30 33.80 -11.77
CA VAL A 194 7.86 33.81 -11.59
C VAL A 194 7.44 34.95 -10.65
N LYS A 195 8.17 35.15 -9.56
CA LYS A 195 7.93 36.28 -8.67
C LYS A 195 7.91 37.60 -9.42
N SER A 196 8.87 37.82 -10.31
CA SER A 196 8.91 39.09 -11.03
C SER A 196 7.69 39.24 -11.92
N LEU A 197 7.30 38.17 -12.63
CA LEU A 197 6.14 38.23 -13.50
C LEU A 197 4.87 38.52 -12.71
N ARG A 198 4.63 37.77 -11.63
CA ARG A 198 3.50 38.05 -10.76
C ARG A 198 3.54 39.48 -10.24
N ASP A 199 4.73 39.96 -9.86
CA ASP A 199 4.84 41.30 -9.28
C ASP A 199 4.46 42.38 -10.26
N LYS A 200 4.51 42.09 -11.56
CA LYS A 200 4.08 42.99 -12.63
C LYS A 200 2.60 42.81 -13.01
N GLY A 201 1.86 41.95 -12.31
CA GLY A 201 0.49 41.67 -12.68
C GLY A 201 0.28 40.72 -13.85
N ILE A 202 1.34 40.06 -14.33
CA ILE A 202 1.21 39.14 -15.46
C ILE A 202 0.35 37.95 -15.05
N PRO A 203 -0.59 37.48 -15.90
CA PRO A 203 -1.47 36.35 -15.55
C PRO A 203 -0.80 34.99 -15.65
N ILE A 204 0.02 34.68 -14.66
CA ILE A 204 0.63 33.36 -14.54
C ILE A 204 0.08 32.76 -13.25
N HIS A 205 -0.68 31.68 -13.37
CA HIS A 205 -1.42 31.12 -12.24
C HIS A 205 -0.75 29.93 -11.59
N GLY A 206 0.22 29.30 -12.26
CA GLY A 206 0.76 28.05 -11.75
C GLY A 206 2.19 27.83 -12.20
N ILE A 207 2.87 26.96 -11.46
CA ILE A 207 4.17 26.43 -11.83
C ILE A 207 4.01 24.94 -12.10
N GLY A 208 4.59 24.48 -13.21
CA GLY A 208 4.56 23.08 -13.56
C GLY A 208 5.91 22.47 -13.25
N MET A 209 5.91 21.49 -12.35
CA MET A 209 7.11 20.77 -11.92
C MET A 209 7.20 19.48 -12.74
N GLN A 210 8.11 19.46 -13.72
CA GLN A 210 8.17 18.33 -14.64
C GLN A 210 8.49 17.02 -13.90
N ALA A 211 9.47 17.05 -12.99
CA ALA A 211 9.83 15.90 -12.15
C ALA A 211 10.35 14.72 -12.97
N HIS A 212 11.29 14.99 -13.87
CA HIS A 212 12.00 13.91 -14.55
C HIS A 212 13.16 13.52 -13.63
N TRP A 213 12.85 12.63 -12.70
CA TRP A 213 13.66 12.33 -11.53
C TRP A 213 14.37 10.99 -11.69
N SER A 214 15.34 10.76 -10.81
CA SER A 214 16.10 9.51 -10.75
C SER A 214 15.83 8.83 -9.40
N LEU A 215 16.49 7.70 -9.16
CA LEU A 215 16.30 7.02 -7.86
C LEU A 215 16.84 7.87 -6.70
N THR A 216 17.85 8.72 -6.97
CA THR A 216 18.55 9.50 -5.95
C THR A 216 18.25 10.99 -5.97
N ARG A 217 18.03 11.57 -7.16
CA ARG A 217 18.02 13.02 -7.35
C ARG A 217 16.67 13.49 -7.90
N PRO A 218 16.12 14.59 -7.36
CA PRO A 218 16.60 15.33 -6.18
C PRO A 218 16.21 14.59 -4.89
N SER A 219 16.75 15.01 -3.74
CA SER A 219 16.40 14.35 -2.48
C SER A 219 15.02 14.79 -2.04
N LEU A 220 14.45 14.02 -1.10
CA LEU A 220 13.15 14.38 -0.55
C LEU A 220 13.17 15.76 0.08
N ASP A 221 14.30 16.15 0.70
CA ASP A 221 14.43 17.49 1.28
C ASP A 221 14.40 18.58 0.20
N GLU A 222 15.13 18.36 -0.92
CA GLU A 222 15.11 19.32 -2.01
C GLU A 222 13.72 19.41 -2.66
N ILE A 223 12.99 18.31 -2.73
CA ILE A 223 11.63 18.36 -3.25
C ILE A 223 10.73 19.18 -2.33
N ARG A 224 10.79 18.89 -1.02
CA ARG A 224 10.00 19.64 -0.04
C ARG A 224 10.31 21.14 -0.10
N ALA A 225 11.60 21.50 -0.10
CA ALA A 225 11.96 22.91 -0.19
C ALA A 225 11.41 23.57 -1.45
N ALA A 226 11.49 22.86 -2.59
CA ALA A 226 11.00 23.43 -3.85
C ALA A 226 9.49 23.66 -3.79
N ILE A 227 8.73 22.64 -3.38
CA ILE A 227 7.29 22.79 -3.20
C ILE A 227 6.99 24.03 -2.36
N GLU A 228 7.66 24.16 -1.22
CA GLU A 228 7.37 25.26 -0.30
C GLU A 228 7.82 26.60 -0.87
N ARG A 229 8.96 26.63 -1.55
CA ARG A 229 9.40 27.89 -2.15
C ARG A 229 8.41 28.36 -3.20
N TYR A 230 8.00 27.47 -4.12
CA TYR A 230 7.05 27.83 -5.16
C TYR A 230 5.67 28.12 -4.56
N ALA A 231 5.18 27.27 -3.65
CA ALA A 231 3.87 27.49 -3.04
C ALA A 231 3.79 28.82 -2.32
N SER A 232 4.93 29.33 -1.82
CA SER A 232 4.94 30.61 -1.11
C SER A 232 4.60 31.78 -2.02
N LEU A 233 4.71 31.61 -3.34
CA LEU A 233 4.35 32.64 -4.31
C LEU A 233 2.86 32.78 -4.51
N GLY A 234 2.05 31.85 -3.99
CA GLY A 234 0.63 31.92 -4.21
C GLY A 234 0.14 31.31 -5.51
N VAL A 235 0.97 30.50 -6.18
CA VAL A 235 0.59 29.84 -7.42
C VAL A 235 0.10 28.42 -7.15
N VAL A 236 -0.70 27.92 -8.09
CA VAL A 236 -1.06 26.51 -8.13
C VAL A 236 0.16 25.69 -8.58
N LEU A 237 0.28 24.48 -8.04
CA LEU A 237 1.35 23.56 -8.41
C LEU A 237 0.79 22.33 -9.11
N HIS A 238 1.30 22.04 -10.33
CA HIS A 238 1.08 20.77 -11.00
C HIS A 238 2.41 20.03 -11.14
N ILE A 239 2.41 18.72 -10.88
CA ILE A 239 3.51 17.85 -11.28
C ILE A 239 3.16 17.34 -12.68
N THR A 240 3.99 17.67 -13.68
CA THR A 240 3.49 17.61 -15.06
C THR A 240 4.04 16.49 -15.92
N GLY A 241 5.18 15.88 -15.56
CA GLY A 241 5.79 14.87 -16.41
C GLY A 241 6.54 13.81 -15.62
N LEU A 242 5.99 13.42 -14.47
CA LEU A 242 6.68 12.54 -13.53
C LEU A 242 7.13 11.22 -14.17
N ASP A 243 8.42 10.91 -14.01
CA ASP A 243 8.92 9.56 -14.18
C ASP A 243 10.14 9.39 -13.28
N VAL A 244 10.45 8.14 -12.94
CA VAL A 244 11.56 7.84 -12.06
C VAL A 244 12.50 6.94 -12.85
N SER A 245 13.54 7.54 -13.42
CA SER A 245 14.49 6.82 -14.26
C SER A 245 15.29 5.82 -13.43
N MET A 246 15.59 4.67 -14.05
CA MET A 246 16.45 3.67 -13.41
C MET A 246 17.94 4.01 -13.51
N PHE A 247 18.31 5.01 -14.31
CA PHE A 247 19.72 5.39 -14.47
C PHE A 247 19.91 6.82 -13.97
N GLU A 248 20.98 7.03 -13.21
CA GLU A 248 21.39 8.39 -12.91
C GLU A 248 21.97 9.04 -14.15
N PHE A 249 22.19 10.36 -14.05
CA PHE A 249 22.62 11.13 -15.21
C PHE A 249 23.98 10.66 -15.74
N HIS A 250 24.92 10.35 -14.84
CA HIS A 250 26.22 9.82 -15.22
C HIS A 250 26.16 8.38 -15.73
N ASP A 251 25.02 7.71 -15.60
CA ASP A 251 24.93 6.28 -15.92
C ASP A 251 24.40 6.15 -17.34
N ARG A 252 25.31 5.98 -18.28
CA ARG A 252 24.97 5.92 -19.70
C ARG A 252 25.02 4.49 -20.28
N ARG A 253 24.85 3.47 -19.45
CA ARG A 253 24.92 2.08 -19.92
C ARG A 253 23.81 1.76 -20.91
N THR A 254 24.15 0.97 -21.94
CA THR A 254 23.20 0.60 -22.98
C THR A 254 22.82 -0.88 -23.00
N ASP A 255 23.47 -1.71 -22.19
CA ASP A 255 23.39 -3.16 -22.32
C ASP A 255 22.61 -3.82 -21.18
N LEU A 256 21.80 -3.06 -20.46
CA LEU A 256 21.00 -3.62 -19.37
C LEU A 256 19.68 -4.11 -19.94
N ALA A 257 19.50 -5.43 -19.99
CA ALA A 257 18.31 -5.98 -20.63
C ALA A 257 17.09 -5.92 -19.74
N ALA A 258 17.27 -5.76 -18.44
CA ALA A 258 16.17 -5.73 -17.49
C ALA A 258 16.62 -4.96 -16.26
N PRO A 259 15.68 -4.44 -15.47
CA PRO A 259 16.07 -3.79 -14.22
C PRO A 259 16.46 -4.81 -13.17
N THR A 260 17.40 -4.44 -12.31
CA THR A 260 17.83 -5.36 -11.28
C THR A 260 16.78 -5.45 -10.18
N SER A 261 16.86 -6.52 -9.41
CA SER A 261 16.09 -6.64 -8.18
C SER A 261 16.18 -5.36 -7.34
N GLU A 262 17.40 -4.86 -7.14
CA GLU A 262 17.59 -3.70 -6.27
C GLU A 262 17.04 -2.42 -6.90
N MET A 263 17.20 -2.27 -8.23
CA MET A 263 16.57 -1.15 -8.93
C MET A 263 15.05 -1.16 -8.74
N ILE A 264 14.43 -2.32 -8.94
CA ILE A 264 12.98 -2.43 -8.79
C ILE A 264 12.56 -2.07 -7.37
N GLU A 265 13.33 -2.54 -6.37
CA GLU A 265 12.97 -2.31 -4.97
C GLU A 265 13.18 -0.86 -4.58
N ARG A 266 14.33 -0.28 -4.95
CA ARG A 266 14.57 1.12 -4.62
C ARG A 266 13.57 2.03 -5.32
N GLN A 267 13.14 1.68 -6.53
CA GLN A 267 12.13 2.47 -7.24
C GLN A 267 10.80 2.44 -6.51
N ALA A 268 10.35 1.25 -6.12
CA ALA A 268 9.15 1.14 -5.28
C ALA A 268 9.25 2.07 -4.07
N GLU A 269 10.37 2.03 -3.35
CA GLU A 269 10.53 2.88 -2.18
C GLU A 269 10.50 4.36 -2.56
N ARG A 270 11.24 4.72 -3.62
CA ARG A 270 11.31 6.12 -4.06
C ARG A 270 9.93 6.66 -4.40
N TYR A 271 9.11 5.88 -5.12
CA TYR A 271 7.76 6.31 -5.45
C TYR A 271 6.88 6.42 -4.20
N GLY A 272 7.07 5.52 -3.23
CA GLY A 272 6.34 5.65 -1.98
C GLY A 272 6.66 6.94 -1.24
N GLN A 273 7.94 7.31 -1.18
CA GLN A 273 8.33 8.54 -0.49
C GLN A 273 7.81 9.77 -1.23
N ILE A 274 7.81 9.72 -2.56
CA ILE A 274 7.39 10.86 -3.37
C ILE A 274 5.90 11.13 -3.18
N PHE A 275 5.07 10.09 -3.29
CA PHE A 275 3.63 10.30 -3.17
C PHE A 275 3.21 10.59 -1.73
N ALA A 276 3.99 10.11 -0.74
CA ALA A 276 3.78 10.57 0.63
C ALA A 276 4.01 12.07 0.73
N LEU A 277 5.08 12.57 0.12
CA LEU A 277 5.35 14.02 0.10
C LEU A 277 4.24 14.79 -0.62
N PHE A 278 3.78 14.30 -1.78
CA PHE A 278 2.69 14.98 -2.48
C PHE A 278 1.42 15.02 -1.63
N LYS A 279 1.02 13.89 -1.04
CA LYS A 279 -0.18 13.88 -0.20
C LYS A 279 -0.07 14.91 0.92
N GLU A 280 1.08 14.94 1.60
CA GLU A 280 1.33 15.94 2.63
C GLU A 280 1.07 17.35 2.11
N TYR A 281 1.44 17.63 0.86
CA TYR A 281 1.24 18.95 0.28
C TYR A 281 0.02 19.02 -0.62
N ARG A 282 -1.01 18.19 -0.33
CA ARG A 282 -2.24 18.17 -1.13
C ARG A 282 -2.90 19.54 -1.27
N ASP A 283 -2.68 20.45 -0.31
CA ASP A 283 -3.33 21.75 -0.38
C ASP A 283 -2.77 22.66 -1.48
N VAL A 284 -1.54 22.42 -1.97
CA VAL A 284 -1.00 23.24 -3.05
C VAL A 284 -0.81 22.45 -4.34
N ILE A 285 -0.73 21.13 -4.28
CA ILE A 285 -0.59 20.30 -5.48
C ILE A 285 -1.98 19.87 -5.92
N GLN A 286 -2.38 20.27 -7.13
CA GLN A 286 -3.70 19.94 -7.63
C GLN A 286 -3.71 18.87 -8.72
N SER A 287 -2.55 18.44 -9.21
CA SER A 287 -2.51 17.45 -10.28
C SER A 287 -1.13 16.82 -10.36
N VAL A 288 -1.10 15.51 -10.64
CA VAL A 288 0.13 14.75 -10.81
C VAL A 288 0.00 13.92 -12.09
N THR A 289 0.76 14.31 -13.11
CA THR A 289 0.76 13.67 -14.42
C THR A 289 2.09 12.96 -14.60
N PHE A 290 2.04 11.67 -14.94
CA PHE A 290 3.22 10.95 -15.40
C PHE A 290 3.43 11.18 -16.90
N TRP A 291 4.69 11.15 -17.32
CA TRP A 291 5.02 11.28 -18.74
C TRP A 291 4.93 9.92 -19.45
N GLY A 292 3.70 9.36 -19.48
CA GLY A 292 3.45 7.99 -19.89
C GLY A 292 2.51 7.35 -18.91
N ILE A 293 2.39 6.02 -18.98
CA ILE A 293 1.64 5.31 -17.93
C ILE A 293 2.18 3.89 -17.67
N ALA A 294 2.69 3.20 -18.70
CA ALA A 294 3.28 1.88 -18.48
C ALA A 294 4.61 1.80 -19.22
N ASP A 295 5.45 0.84 -18.82
CA ASP A 295 6.84 0.79 -19.27
C ASP A 295 7.00 0.37 -20.75
N ASP A 296 5.93 0.01 -21.46
CA ASP A 296 6.03 -0.27 -22.89
C ASP A 296 6.13 0.98 -23.74
N HIS A 297 5.89 2.17 -23.20
CA HIS A 297 6.17 3.41 -23.92
C HIS A 297 6.74 4.46 -22.96
N THR A 298 7.98 4.90 -23.22
CA THR A 298 8.57 5.99 -22.47
C THR A 298 9.66 6.65 -23.30
N TRP A 299 9.67 7.98 -23.31
CA TRP A 299 10.72 8.72 -23.99
C TRP A 299 12.09 8.42 -23.42
N LEU A 300 12.17 7.87 -22.20
CA LEU A 300 13.47 7.60 -21.59
C LEU A 300 14.17 6.40 -22.22
N ASP A 301 13.48 5.62 -23.06
CA ASP A 301 14.16 4.58 -23.85
C ASP A 301 15.23 5.17 -24.75
N ASN A 302 15.04 6.40 -25.22
CA ASN A 302 15.97 7.02 -26.15
C ASN A 302 16.54 8.33 -25.65
N PHE A 303 16.18 8.75 -24.44
CA PHE A 303 16.79 9.93 -23.84
C PHE A 303 17.22 9.62 -22.41
N PRO A 304 18.42 10.01 -22.01
CA PRO A 304 19.38 10.74 -22.87
C PRO A 304 20.27 9.83 -23.73
N VAL A 305 19.99 8.53 -23.70
CA VAL A 305 20.79 7.53 -24.40
C VAL A 305 19.90 6.92 -25.48
N HIS A 306 20.25 7.13 -26.74
CA HIS A 306 19.46 6.53 -27.81
C HIS A 306 19.61 5.02 -27.80
N GLY A 307 18.48 4.32 -27.90
CA GLY A 307 18.48 2.89 -28.19
C GLY A 307 18.68 1.96 -27.01
N ARG A 308 18.35 2.39 -25.79
CA ARG A 308 18.34 1.47 -24.66
C ARG A 308 16.90 1.31 -24.19
N LYS A 309 16.74 0.73 -23.01
CA LYS A 309 15.41 0.56 -22.42
C LYS A 309 15.42 1.08 -20.99
N ASN A 310 14.33 1.73 -20.59
CA ASN A 310 14.16 2.21 -19.23
C ASN A 310 12.85 1.68 -18.68
N TRP A 311 12.67 1.76 -17.37
CA TRP A 311 11.52 1.16 -16.69
C TRP A 311 11.03 2.12 -15.61
N PRO A 312 10.41 3.24 -16.02
CA PRO A 312 10.26 4.40 -15.13
C PRO A 312 8.89 4.60 -14.49
N LEU A 313 7.94 3.71 -14.72
CA LEU A 313 6.55 4.00 -14.40
C LEU A 313 5.98 2.94 -13.46
N LEU A 314 4.69 3.08 -13.14
CA LEU A 314 4.05 2.22 -12.14
C LEU A 314 3.57 0.88 -12.70
N PHE A 315 3.44 0.73 -14.03
CA PHE A 315 3.05 -0.53 -14.65
C PHE A 315 4.14 -1.00 -15.61
N ASP A 316 4.29 -2.32 -15.73
CA ASP A 316 5.33 -2.88 -16.60
C ASP A 316 4.83 -2.98 -18.04
N GLU A 317 5.68 -3.54 -18.91
CA GLU A 317 5.38 -3.61 -20.34
C GLU A 317 4.16 -4.46 -20.62
N GLN A 318 3.81 -5.38 -19.73
CA GLN A 318 2.59 -6.16 -19.85
C GLN A 318 1.42 -5.51 -19.15
N HIS A 319 1.56 -4.24 -18.74
CA HIS A 319 0.51 -3.45 -18.09
C HIS A 319 0.11 -4.00 -16.72
N LYS A 320 1.01 -4.72 -16.06
CA LYS A 320 0.71 -5.21 -14.72
C LYS A 320 1.34 -4.29 -13.67
N PRO A 321 0.73 -4.13 -12.50
CA PRO A 321 1.30 -3.24 -11.49
C PRO A 321 2.68 -3.71 -11.06
N LYS A 322 3.60 -2.77 -11.00
CA LYS A 322 4.92 -3.00 -10.46
C LYS A 322 4.87 -2.84 -8.94
N PRO A 323 5.94 -3.20 -8.24
CA PRO A 323 5.96 -2.93 -6.78
C PRO A 323 5.83 -1.45 -6.45
N ALA A 324 6.40 -0.57 -7.29
CA ALA A 324 6.17 0.85 -7.14
C ALA A 324 4.67 1.20 -7.06
N PHE A 325 3.83 0.49 -7.81
CA PHE A 325 2.40 0.77 -7.75
C PHE A 325 1.87 0.63 -6.32
N TRP A 326 2.19 -0.49 -5.68
CA TRP A 326 1.60 -0.81 -4.38
C TRP A 326 2.04 0.18 -3.31
N ARG A 327 3.31 0.61 -3.36
CA ARG A 327 3.78 1.62 -2.42
C ARG A 327 3.08 2.96 -2.66
N ALA A 328 2.97 3.37 -3.94
CA ALA A 328 2.41 4.68 -4.26
C ALA A 328 0.96 4.82 -3.77
N VAL A 329 0.13 3.79 -3.98
CA VAL A 329 -1.29 3.91 -3.60
C VAL A 329 -1.55 3.71 -2.12
N SER A 330 -0.54 3.36 -1.32
CA SER A 330 -0.77 3.05 0.08
C SER A 330 -0.21 4.09 1.04
N VAL A 331 0.22 5.25 0.53
CA VAL A 331 0.62 6.37 1.40
C VAL A 331 -0.63 6.99 2.02
N SER B 4 14.15 1.84 4.97
CA SER B 4 13.32 1.29 6.04
C SER B 4 11.81 1.23 5.69
N LEU B 5 11.11 0.26 6.27
CA LEU B 5 9.68 0.01 6.10
C LEU B 5 8.89 0.47 7.32
N PRO B 6 7.60 0.77 7.15
CA PRO B 6 6.74 0.99 8.33
C PRO B 6 6.71 -0.26 9.22
N SER B 7 6.71 -0.03 10.53
CA SER B 7 6.67 -1.10 11.52
C SER B 7 5.23 -1.39 11.90
N LEU B 8 4.82 -2.65 11.76
CA LEU B 8 3.40 -3.00 11.92
C LEU B 8 2.86 -2.58 13.29
N ARG B 9 3.63 -2.84 14.36
CA ARG B 9 3.19 -2.46 15.70
C ARG B 9 3.09 -0.94 15.85
N ASP B 10 3.97 -0.19 15.16
CA ASP B 10 3.88 1.26 15.21
C ASP B 10 2.69 1.79 14.41
N VAL B 11 2.47 1.23 13.22
CA VAL B 11 1.31 1.63 12.40
C VAL B 11 0.01 1.54 13.19
N PHE B 12 -0.13 0.48 14.01
CA PHE B 12 -1.37 0.22 14.74
C PHE B 12 -1.23 0.48 16.25
N ALA B 13 -0.24 1.29 16.65
CA ALA B 13 0.01 1.54 18.07
C ALA B 13 -1.24 1.96 18.82
N ASN B 14 -2.09 2.74 18.19
CA ASN B 14 -3.29 3.25 18.86
C ASN B 14 -4.48 2.33 18.73
N ASP B 15 -4.34 1.20 18.04
CA ASP B 15 -5.45 0.31 17.76
C ASP B 15 -5.36 -1.04 18.47
N PHE B 16 -4.24 -1.73 18.35
CA PHE B 16 -4.10 -3.05 18.93
C PHE B 16 -2.66 -3.50 18.78
N ARG B 17 -2.27 -4.49 19.56
CA ARG B 17 -0.96 -5.11 19.37
C ARG B 17 -0.95 -5.94 18.10
N ILE B 18 0.25 -6.22 17.62
CA ILE B 18 0.47 -7.04 16.43
C ILE B 18 1.37 -8.22 16.84
N GLY B 19 0.84 -9.44 16.71
CA GLY B 19 1.54 -10.63 17.16
C GLY B 19 1.89 -11.58 16.03
N ALA B 20 2.80 -12.52 16.33
CA ALA B 20 3.08 -13.68 15.48
C ALA B 20 3.14 -14.96 16.32
N ALA B 21 2.66 -16.07 15.74
CA ALA B 21 2.96 -17.40 16.28
C ALA B 21 4.35 -17.85 15.81
N VAL B 22 5.12 -18.41 16.75
CA VAL B 22 6.52 -18.74 16.53
C VAL B 22 6.84 -20.06 17.23
N ASN B 23 7.94 -20.67 16.83
CA ASN B 23 8.60 -21.73 17.55
C ASN B 23 10.07 -21.37 17.58
N PRO B 24 10.89 -22.06 18.38
CA PRO B 24 12.29 -21.62 18.49
C PRO B 24 13.05 -21.61 17.17
N VAL B 25 12.65 -22.45 16.20
CA VAL B 25 13.34 -22.44 14.91
C VAL B 25 12.97 -21.20 14.09
N THR B 26 11.67 -20.87 14.03
CA THR B 26 11.28 -19.69 13.24
C THR B 26 11.68 -18.39 13.91
N ILE B 27 11.90 -18.39 15.23
CA ILE B 27 12.49 -17.22 15.87
C ILE B 27 13.86 -16.92 15.28
N GLU B 28 14.66 -17.96 15.00
CA GLU B 28 15.93 -17.75 14.33
C GLU B 28 15.75 -17.40 12.86
N MET B 29 14.92 -18.19 12.16
CA MET B 29 14.73 -18.00 10.73
C MET B 29 14.11 -16.63 10.40
N GLN B 30 13.28 -16.10 11.30
CA GLN B 30 12.53 -14.88 11.02
C GLN B 30 12.82 -13.78 12.05
N LYS B 31 14.00 -13.83 12.67
CA LYS B 31 14.28 -12.96 13.82
C LYS B 31 14.07 -11.49 13.47
N GLN B 32 14.65 -11.03 12.36
CA GLN B 32 14.63 -9.60 12.08
C GLN B 32 13.20 -9.11 11.81
N LEU B 33 12.44 -9.85 10.99
CA LEU B 33 11.04 -9.49 10.77
C LEU B 33 10.29 -9.34 12.09
N LEU B 34 10.50 -10.27 13.02
CA LEU B 34 9.76 -10.20 14.29
C LEU B 34 10.21 -8.98 15.08
N ILE B 35 11.53 -8.79 15.23
CA ILE B 35 12.07 -7.63 15.93
C ILE B 35 11.52 -6.34 15.33
N ASP B 36 11.41 -6.27 14.00
CA ASP B 36 11.00 -5.02 13.37
C ASP B 36 9.50 -4.75 13.48
N HIS B 37 8.65 -5.79 13.61
CA HIS B 37 7.21 -5.56 13.40
C HIS B 37 6.28 -5.89 14.58
N VAL B 38 6.52 -6.94 15.37
CA VAL B 38 5.51 -7.38 16.35
C VAL B 38 5.80 -6.85 17.75
N ASN B 39 4.75 -6.74 18.56
CA ASN B 39 4.88 -6.56 20.01
C ASN B 39 4.08 -7.61 20.78
N SER B 40 3.83 -8.76 20.17
CA SER B 40 3.21 -9.89 20.85
C SER B 40 3.71 -11.16 20.20
N ILE B 41 3.78 -12.22 21.00
CA ILE B 41 4.29 -13.51 20.58
C ILE B 41 3.38 -14.59 21.13
N THR B 42 3.05 -15.59 20.32
CA THR B 42 2.38 -16.80 20.77
C THR B 42 3.24 -17.99 20.37
N ALA B 43 3.27 -19.03 21.22
CA ALA B 43 3.94 -20.28 20.86
C ALA B 43 3.02 -21.06 19.92
N GLU B 44 3.51 -21.34 18.71
CA GLU B 44 2.69 -22.07 17.74
C GLU B 44 2.33 -23.46 18.27
N ASN B 45 3.25 -24.12 18.98
CA ASN B 45 2.97 -25.45 19.52
C ASN B 45 3.54 -25.72 20.91
N HIS B 46 4.59 -25.03 21.35
CA HIS B 46 5.37 -25.54 22.48
C HIS B 46 4.83 -25.12 23.85
N MET B 47 3.62 -24.57 23.91
CA MET B 47 2.93 -24.43 25.19
C MET B 47 1.65 -25.25 25.23
N LYS B 48 1.47 -26.15 24.28
CA LYS B 48 0.34 -27.05 24.37
C LYS B 48 0.66 -28.18 25.34
N PHE B 49 -0.39 -28.86 25.80
CA PHE B 49 -0.22 -29.84 26.88
C PHE B 49 0.85 -30.88 26.52
N GLU B 50 0.84 -31.39 25.29
CA GLU B 50 1.78 -32.44 24.93
C GLU B 50 3.23 -31.95 24.92
N HIS B 51 3.46 -30.64 24.82
CA HIS B 51 4.82 -30.13 24.80
C HIS B 51 5.28 -29.57 26.14
N LEU B 52 4.41 -29.56 27.15
CA LEU B 52 4.77 -29.09 28.47
C LEU B 52 4.82 -30.21 29.52
N GLN B 53 3.91 -31.18 29.46
CA GLN B 53 3.90 -32.33 30.38
C GLN B 53 3.72 -33.62 29.57
N PRO B 54 4.77 -34.07 28.86
CA PRO B 54 4.63 -35.28 28.02
C PRO B 54 4.33 -36.55 28.80
N GLU B 55 4.82 -36.65 30.04
CA GLU B 55 4.47 -37.71 30.98
C GLU B 55 4.10 -37.07 32.31
N GLU B 56 3.23 -37.74 33.08
CA GLU B 56 2.84 -37.20 34.37
C GLU B 56 4.08 -36.97 35.23
N GLY B 57 4.21 -35.75 35.75
CA GLY B 57 5.36 -35.39 36.56
C GLY B 57 6.58 -34.95 35.79
N LYS B 58 6.58 -35.07 34.45
CA LYS B 58 7.73 -34.70 33.63
C LYS B 58 7.35 -33.44 32.86
N PHE B 59 7.90 -32.31 33.29
CA PHE B 59 7.64 -31.02 32.67
C PHE B 59 8.83 -30.64 31.79
N THR B 60 8.55 -30.20 30.54
CA THR B 60 9.57 -29.86 29.54
C THR B 60 9.36 -28.43 29.07
N PHE B 61 9.79 -27.46 29.89
CA PHE B 61 9.61 -26.04 29.60
C PHE B 61 10.71 -25.45 28.73
N GLN B 62 11.69 -26.24 28.28
CA GLN B 62 12.88 -25.65 27.66
C GLN B 62 12.49 -24.80 26.46
N GLU B 63 11.68 -25.36 25.55
CA GLU B 63 11.30 -24.65 24.33
C GLU B 63 10.41 -23.45 24.64
N ALA B 64 9.41 -23.62 25.52
CA ALA B 64 8.57 -22.50 25.91
C ALA B 64 9.39 -21.38 26.56
N ASP B 65 10.38 -21.74 27.39
CA ASP B 65 11.25 -20.73 28.01
C ASP B 65 11.99 -19.90 26.96
N ARG B 66 12.52 -20.57 25.90
CA ARG B 66 13.22 -19.86 24.83
C ARG B 66 12.30 -18.85 24.14
N ILE B 67 11.04 -19.23 23.91
CA ILE B 67 10.07 -18.32 23.30
C ILE B 67 9.78 -17.16 24.25
N VAL B 68 9.57 -17.44 25.53
CA VAL B 68 9.29 -16.36 26.49
C VAL B 68 10.51 -15.47 26.65
N ASP B 69 11.71 -16.05 26.65
CA ASP B 69 12.91 -15.25 26.85
C ASP B 69 13.13 -14.31 25.67
N PHE B 70 12.94 -14.80 24.44
CA PHE B 70 13.01 -13.95 23.26
C PHE B 70 12.06 -12.76 23.38
N ALA B 71 10.81 -13.02 23.77
CA ALA B 71 9.81 -11.97 23.82
C ALA B 71 10.18 -10.89 24.83
N CYS B 72 10.50 -11.30 26.06
CA CYS B 72 10.85 -10.37 27.13
C CYS B 72 12.08 -9.53 26.77
N SER B 73 13.04 -10.12 26.07
CA SER B 73 14.23 -9.39 25.63
C SER B 73 13.93 -8.33 24.59
N HIS B 74 12.78 -8.39 23.91
CA HIS B 74 12.42 -7.41 22.88
C HIS B 74 11.10 -6.70 23.19
N ARG B 75 10.65 -6.70 24.45
CA ARG B 75 9.44 -5.96 24.85
C ARG B 75 8.21 -6.43 24.09
N MET B 76 8.14 -7.71 23.82
CA MET B 76 6.93 -8.28 23.28
C MET B 76 6.15 -8.93 24.41
N ALA B 77 4.85 -8.70 24.43
CA ALA B 77 3.96 -9.46 25.28
C ALA B 77 3.89 -10.91 24.77
N VAL B 78 3.37 -11.79 25.63
CA VAL B 78 3.20 -13.19 25.27
C VAL B 78 1.79 -13.64 25.62
N ARG B 79 1.09 -14.24 24.63
CA ARG B 79 -0.15 -14.96 24.86
C ARG B 79 0.16 -16.44 25.08
N GLY B 80 -0.41 -17.02 26.13
CA GLY B 80 -0.25 -18.45 26.38
C GLY B 80 -1.29 -19.28 25.61
N HIS B 81 -0.81 -20.33 24.95
CA HIS B 81 -1.67 -21.17 24.12
C HIS B 81 -1.11 -22.60 24.16
N THR B 82 -1.85 -23.56 24.75
CA THR B 82 -3.20 -23.43 25.31
C THR B 82 -3.35 -24.53 26.38
N LEU B 83 -4.21 -24.33 27.38
CA LEU B 83 -4.22 -25.23 28.55
C LEU B 83 -5.07 -26.47 28.32
N VAL B 84 -6.34 -26.30 27.95
CA VAL B 84 -7.27 -27.43 27.88
C VAL B 84 -7.87 -27.47 26.49
N TRP B 85 -7.55 -28.52 25.74
CA TRP B 85 -7.87 -28.71 24.33
C TRP B 85 -7.99 -30.20 24.06
N HIS B 86 -8.93 -30.61 23.18
CA HIS B 86 -9.04 -32.02 22.83
C HIS B 86 -7.83 -32.51 22.03
N ASN B 87 -7.14 -31.62 21.31
CA ASN B 87 -6.00 -31.99 20.49
C ASN B 87 -4.68 -31.85 21.24
N GLN B 88 -3.67 -32.53 20.74
CA GLN B 88 -2.29 -32.45 21.26
C GLN B 88 -2.26 -32.55 22.78
N THR B 89 -3.00 -33.53 23.31
CA THR B 89 -2.97 -33.85 24.73
C THR B 89 -2.61 -35.32 24.89
N PRO B 90 -1.57 -35.66 25.64
CA PRO B 90 -1.15 -37.06 25.74
C PRO B 90 -2.24 -37.95 26.33
N ASP B 91 -2.16 -39.24 26.00
CA ASP B 91 -3.16 -40.21 26.46
C ASP B 91 -3.11 -40.43 27.98
N TRP B 92 -1.93 -40.31 28.59
CA TRP B 92 -1.83 -40.61 30.03
C TRP B 92 -2.81 -39.76 30.84
N VAL B 93 -3.12 -38.56 30.37
CA VAL B 93 -3.96 -37.62 31.10
C VAL B 93 -5.27 -38.26 31.49
N PHE B 94 -5.81 -39.12 30.63
CA PHE B 94 -7.15 -39.65 30.81
C PHE B 94 -7.17 -41.06 31.40
N GLN B 95 -6.03 -41.74 31.49
CA GLN B 95 -5.95 -43.15 31.86
C GLN B 95 -5.40 -43.33 33.28
N ASP B 96 -5.77 -44.46 33.89
CA ASP B 96 -5.13 -44.93 35.11
C ASP B 96 -4.05 -45.96 34.75
N GLY B 97 -3.60 -46.74 35.73
CA GLY B 97 -2.58 -47.74 35.46
C GLY B 97 -3.06 -48.81 34.49
N GLN B 98 -4.29 -49.28 34.66
CA GLN B 98 -4.83 -50.37 33.85
C GLN B 98 -5.35 -49.91 32.49
N GLY B 99 -5.14 -48.65 32.11
CA GLY B 99 -5.61 -48.16 30.84
C GLY B 99 -7.05 -47.71 30.79
N HIS B 100 -7.82 -47.93 31.87
CA HIS B 100 -9.19 -47.47 31.96
C HIS B 100 -9.23 -45.96 32.21
N PHE B 101 -10.40 -45.36 32.00
CA PHE B 101 -10.55 -43.93 32.16
C PHE B 101 -10.61 -43.54 33.64
N VAL B 102 -9.91 -42.46 33.99
CA VAL B 102 -9.92 -41.96 35.35
C VAL B 102 -11.30 -41.40 35.65
N SER B 103 -11.56 -41.15 36.93
CA SER B 103 -12.79 -40.54 37.41
C SER B 103 -12.77 -39.03 37.16
N ARG B 104 -13.92 -38.40 37.38
CA ARG B 104 -14.01 -36.95 37.33
C ARG B 104 -13.01 -36.31 38.30
N ASP B 105 -12.99 -36.79 39.54
CA ASP B 105 -12.14 -36.15 40.56
C ASP B 105 -10.66 -36.28 40.22
N VAL B 106 -10.25 -37.41 39.65
CA VAL B 106 -8.83 -37.56 39.34
C VAL B 106 -8.44 -36.70 38.15
N LEU B 107 -9.30 -36.61 37.14
CA LEU B 107 -8.99 -35.75 35.99
C LEU B 107 -8.90 -34.29 36.41
N LEU B 108 -9.79 -33.84 37.31
CA LEU B 108 -9.70 -32.47 37.80
C LEU B 108 -8.42 -32.22 38.61
N GLU B 109 -7.99 -33.20 39.43
CA GLU B 109 -6.69 -33.09 40.10
C GLU B 109 -5.58 -32.87 39.08
N ARG B 110 -5.59 -33.65 38.00
CA ARG B 110 -4.55 -33.57 37.00
C ARG B 110 -4.65 -32.26 36.22
N MET B 111 -5.88 -31.82 35.91
CA MET B 111 -6.04 -30.55 35.22
C MET B 111 -5.57 -29.40 36.07
N LYS B 112 -5.88 -29.43 37.38
CA LYS B 112 -5.46 -28.35 38.26
C LYS B 112 -3.96 -28.30 38.42
N CYS B 113 -3.32 -29.47 38.54
CA CYS B 113 -1.88 -29.49 38.79
C CYS B 113 -1.10 -29.04 37.55
N HIS B 114 -1.62 -29.35 36.35
CA HIS B 114 -1.00 -28.86 35.11
C HIS B 114 -1.18 -27.36 34.96
N ILE B 115 -2.42 -26.88 35.05
CA ILE B 115 -2.67 -25.45 34.96
C ILE B 115 -1.83 -24.69 35.99
N SER B 116 -1.77 -25.20 37.23
CA SER B 116 -1.07 -24.47 38.28
C SER B 116 0.43 -24.39 38.01
N THR B 117 1.06 -25.52 37.70
CA THR B 117 2.50 -25.51 37.42
C THR B 117 2.83 -24.63 36.22
N VAL B 118 2.06 -24.75 35.13
CA VAL B 118 2.38 -24.05 33.90
C VAL B 118 2.13 -22.56 34.07
N VAL B 119 0.95 -22.18 34.57
CA VAL B 119 0.61 -20.77 34.67
C VAL B 119 1.53 -20.07 35.67
N ARG B 120 1.75 -20.70 36.83
CA ARG B 120 2.63 -20.09 37.83
C ARG B 120 4.03 -19.84 37.29
N ARG B 121 4.55 -20.71 36.42
CA ARG B 121 5.92 -20.53 35.97
C ARG B 121 6.08 -19.21 35.22
N TYR B 122 5.05 -18.77 34.51
CA TYR B 122 5.13 -17.59 33.63
C TYR B 122 4.34 -16.40 34.17
N LYS B 123 3.82 -16.49 35.40
CA LYS B 123 3.20 -15.36 36.08
C LYS B 123 4.04 -14.10 35.94
N GLY B 124 3.41 -13.00 35.52
CA GLY B 124 4.12 -11.76 35.31
C GLY B 124 4.86 -11.62 33.98
N LYS B 125 5.00 -12.71 33.21
CA LYS B 125 5.55 -12.59 31.87
C LYS B 125 4.54 -12.89 30.77
N ILE B 126 3.54 -13.72 31.03
CA ILE B 126 2.48 -14.02 30.10
C ILE B 126 1.24 -13.31 30.62
N TYR B 127 0.66 -12.44 29.78
CA TYR B 127 -0.43 -11.61 30.27
C TYR B 127 -1.81 -12.20 29.99
N CYS B 128 -1.95 -13.15 29.08
CA CYS B 128 -3.23 -13.81 28.98
C CYS B 128 -3.03 -15.25 28.51
N TRP B 129 -4.08 -16.07 28.66
CA TRP B 129 -4.04 -17.49 28.38
C TRP B 129 -5.29 -17.93 27.64
N ASP B 130 -5.11 -18.67 26.54
CA ASP B 130 -6.19 -19.45 25.95
C ASP B 130 -6.45 -20.63 26.89
N VAL B 131 -7.43 -20.49 27.77
CA VAL B 131 -7.69 -21.54 28.77
C VAL B 131 -8.38 -22.73 28.12
N ILE B 132 -9.44 -22.45 27.34
CA ILE B 132 -10.20 -23.46 26.63
C ILE B 132 -10.08 -23.17 25.14
N ASN B 133 -9.76 -24.20 24.35
CA ASN B 133 -9.61 -24.09 22.91
C ASN B 133 -10.63 -24.99 22.19
N GLU B 134 -11.46 -24.39 21.34
CA GLU B 134 -12.22 -25.12 20.31
C GLU B 134 -13.19 -26.16 20.90
N ALA B 135 -13.95 -25.77 21.92
CA ALA B 135 -14.87 -26.72 22.55
C ALA B 135 -16.20 -26.85 21.80
N VAL B 136 -16.54 -25.87 20.95
CA VAL B 136 -17.85 -25.83 20.28
C VAL B 136 -17.86 -26.74 19.07
N ALA B 137 -18.99 -27.41 18.85
CA ALA B 137 -19.08 -28.42 17.79
C ALA B 137 -19.09 -27.77 16.41
N ASP B 138 -18.61 -28.53 15.42
CA ASP B 138 -18.47 -28.00 14.06
C ASP B 138 -19.83 -27.87 13.37
N GLU B 139 -20.62 -28.94 13.37
CA GLU B 139 -21.98 -28.91 12.84
C GLU B 139 -22.91 -29.58 13.84
N GLY B 140 -24.22 -29.47 13.57
CA GLY B 140 -25.22 -30.10 14.41
C GLY B 140 -25.88 -29.11 15.35
N ASN B 141 -26.83 -29.64 16.14
CA ASN B 141 -27.61 -28.82 17.06
C ASN B 141 -26.99 -28.72 18.45
N GLU B 142 -26.13 -29.66 18.83
CA GLU B 142 -25.52 -29.63 20.14
C GLU B 142 -24.45 -28.54 20.22
N LEU B 143 -24.34 -27.92 21.40
CA LEU B 143 -23.41 -26.81 21.59
C LEU B 143 -21.96 -27.27 21.51
N LEU B 144 -21.62 -28.37 22.15
CA LEU B 144 -20.25 -28.79 22.36
C LEU B 144 -19.93 -30.05 21.57
N ARG B 145 -18.70 -30.13 21.07
CA ARG B 145 -18.21 -31.40 20.55
C ARG B 145 -17.93 -32.36 21.70
N PRO B 146 -17.98 -33.66 21.45
CA PRO B 146 -17.52 -34.60 22.48
C PRO B 146 -16.02 -34.55 22.61
N SER B 147 -15.54 -34.91 23.80
CA SER B 147 -14.10 -34.95 24.07
C SER B 147 -13.91 -35.69 25.39
N LYS B 148 -12.71 -36.24 25.56
CA LYS B 148 -12.39 -36.97 26.77
C LYS B 148 -12.44 -36.07 28.01
N TRP B 149 -12.02 -34.81 27.88
CA TRP B 149 -12.19 -33.85 28.99
C TRP B 149 -13.64 -33.80 29.43
N ARG B 150 -14.56 -33.66 28.47
CA ARG B 150 -15.97 -33.48 28.75
C ARG B 150 -16.59 -34.78 29.23
N GLN B 151 -16.24 -35.89 28.59
CA GLN B 151 -16.82 -37.18 28.90
C GLN B 151 -16.53 -37.57 30.35
N ILE B 152 -15.30 -37.33 30.81
CA ILE B 152 -14.91 -37.76 32.14
C ILE B 152 -15.37 -36.76 33.19
N ILE B 153 -15.09 -35.47 32.98
CA ILE B 153 -15.43 -34.48 34.01
C ILE B 153 -16.93 -34.19 34.03
N GLY B 154 -17.54 -34.06 32.87
CA GLY B 154 -18.85 -33.46 32.75
C GLY B 154 -18.79 -32.10 32.09
N ASP B 155 -19.98 -31.55 31.81
CA ASP B 155 -20.11 -30.34 31.01
C ASP B 155 -19.53 -29.09 31.67
N ASP B 156 -19.24 -29.14 32.97
CA ASP B 156 -18.68 -27.99 33.65
C ASP B 156 -17.15 -27.97 33.62
N PHE B 157 -16.53 -28.80 32.77
CA PHE B 157 -15.08 -28.87 32.73
C PHE B 157 -14.48 -27.51 32.36
N MET B 158 -15.18 -26.73 31.53
CA MET B 158 -14.68 -25.40 31.21
C MET B 158 -14.72 -24.47 32.42
N GLU B 159 -15.79 -24.54 33.22
CA GLU B 159 -15.84 -23.76 34.45
C GLU B 159 -14.62 -24.02 35.31
N GLN B 160 -14.33 -25.30 35.55
CA GLN B 160 -13.21 -25.67 36.41
C GLN B 160 -11.90 -25.20 35.83
N ALA B 161 -11.69 -25.37 34.51
CA ALA B 161 -10.44 -24.94 33.90
C ALA B 161 -10.20 -23.44 34.15
N PHE B 162 -11.23 -22.62 33.93
CA PHE B 162 -11.09 -21.18 34.13
C PHE B 162 -10.84 -20.84 35.60
N LEU B 163 -11.50 -21.55 36.52
CA LEU B 163 -11.26 -21.29 37.95
C LEU B 163 -9.82 -21.61 38.32
N TYR B 164 -9.31 -22.74 37.84
CA TYR B 164 -7.95 -23.16 38.17
C TYR B 164 -6.93 -22.18 37.60
N ALA B 165 -7.18 -21.65 36.40
CA ALA B 165 -6.25 -20.68 35.82
C ALA B 165 -6.27 -19.38 36.60
N TYR B 166 -7.47 -18.87 36.89
CA TYR B 166 -7.62 -17.66 37.70
C TYR B 166 -6.88 -17.78 39.03
N GLU B 167 -7.11 -18.89 39.74
CA GLU B 167 -6.43 -19.15 41.01
C GLU B 167 -4.92 -19.05 40.88
N ALA B 168 -4.36 -19.54 39.75
CA ALA B 168 -2.91 -19.61 39.59
C ALA B 168 -2.32 -18.23 39.29
N ASP B 169 -3.04 -17.40 38.54
CA ASP B 169 -2.62 -16.01 38.30
C ASP B 169 -3.84 -15.14 38.14
N PRO B 170 -4.31 -14.53 39.23
CA PRO B 170 -5.53 -13.69 39.15
C PRO B 170 -5.36 -12.42 38.33
N ASP B 171 -4.13 -12.09 37.88
CA ASP B 171 -3.90 -10.95 37.01
C ASP B 171 -3.98 -11.29 35.53
N ALA B 172 -4.03 -12.58 35.16
CA ALA B 172 -4.02 -12.92 33.75
C ALA B 172 -5.43 -12.75 33.16
N LEU B 173 -5.48 -12.33 31.91
CA LEU B 173 -6.72 -12.33 31.15
C LEU B 173 -6.95 -13.72 30.54
N LEU B 174 -8.12 -14.29 30.78
CA LEU B 174 -8.43 -15.66 30.43
C LEU B 174 -9.41 -15.68 29.26
N PHE B 175 -9.15 -16.58 28.28
CA PHE B 175 -9.80 -16.55 26.98
C PHE B 175 -10.42 -17.89 26.63
N TYR B 176 -11.60 -17.83 25.99
CA TYR B 176 -12.09 -18.90 25.13
C TYR B 176 -11.70 -18.61 23.67
N ASN B 177 -11.11 -19.60 23.00
CA ASN B 177 -10.53 -19.44 21.67
C ASN B 177 -11.14 -20.46 20.72
N ASP B 178 -11.45 -20.03 19.48
CA ASP B 178 -12.13 -20.90 18.50
C ASP B 178 -11.94 -20.36 17.08
N TYR B 179 -12.17 -21.24 16.11
CA TYR B 179 -12.16 -20.93 14.68
C TYR B 179 -13.57 -21.03 14.09
N ASN B 180 -13.69 -20.61 12.83
CA ASN B 180 -14.98 -20.44 12.16
C ASN B 180 -15.92 -19.58 13.00
N GLU B 181 -15.33 -18.62 13.72
CA GLU B 181 -16.04 -17.80 14.68
C GLU B 181 -17.04 -16.84 14.04
N CYS B 182 -17.05 -16.69 12.71
CA CYS B 182 -17.95 -15.73 12.06
C CYS B 182 -19.06 -16.37 11.24
N PHE B 183 -19.03 -17.68 11.05
CA PHE B 183 -20.15 -18.36 10.42
C PHE B 183 -21.34 -18.29 11.37
N PRO B 184 -22.49 -17.73 10.96
CA PRO B 184 -23.53 -17.35 11.93
C PRO B 184 -23.94 -18.44 12.91
N GLU B 185 -24.05 -19.69 12.43
CA GLU B 185 -24.52 -20.75 13.31
C GLU B 185 -23.54 -21.01 14.44
N LYS B 186 -22.23 -20.97 14.14
CA LYS B 186 -21.24 -21.22 15.17
C LYS B 186 -21.03 -20.00 16.05
N ARG B 187 -21.10 -18.80 15.44
CA ARG B 187 -21.06 -17.56 16.22
C ARG B 187 -22.05 -17.59 17.37
N GLU B 188 -23.28 -18.07 17.10
CA GLU B 188 -24.30 -18.04 18.13
C GLU B 188 -23.99 -19.05 19.24
N LYS B 189 -23.43 -20.19 18.88
CA LYS B 189 -23.04 -21.18 19.88
C LYS B 189 -21.92 -20.65 20.78
N ILE B 190 -20.94 -19.98 20.19
CA ILE B 190 -19.83 -19.42 20.97
C ILE B 190 -20.35 -18.31 21.89
N PHE B 191 -21.28 -17.48 21.38
CA PHE B 191 -21.89 -16.45 22.19
C PHE B 191 -22.69 -17.06 23.35
N ALA B 192 -23.53 -18.04 23.03
CA ALA B 192 -24.32 -18.69 24.07
C ALA B 192 -23.42 -19.28 25.14
N LEU B 193 -22.32 -19.93 24.73
CA LEU B 193 -21.44 -20.59 25.69
C LEU B 193 -20.75 -19.58 26.59
N VAL B 194 -20.14 -18.55 25.99
CA VAL B 194 -19.42 -17.56 26.79
C VAL B 194 -20.38 -16.77 27.67
N LYS B 195 -21.59 -16.50 27.17
CA LYS B 195 -22.58 -15.79 27.98
C LYS B 195 -22.92 -16.59 29.23
N SER B 196 -23.09 -17.90 29.09
CA SER B 196 -23.44 -18.74 30.23
C SER B 196 -22.37 -18.68 31.31
N LEU B 197 -21.09 -18.72 30.91
CA LEU B 197 -20.01 -18.69 31.90
C LEU B 197 -19.87 -17.31 32.52
N ARG B 198 -20.01 -16.25 31.72
CA ARG B 198 -20.09 -14.90 32.26
C ARG B 198 -21.20 -14.80 33.30
N ASP B 199 -22.39 -15.28 32.95
CA ASP B 199 -23.55 -15.13 33.84
C ASP B 199 -23.38 -15.93 35.13
N LYS B 200 -22.77 -17.13 35.06
CA LYS B 200 -22.47 -17.89 36.27
C LYS B 200 -21.36 -17.28 37.10
N GLY B 201 -20.79 -16.14 36.71
CA GLY B 201 -19.70 -15.52 37.45
C GLY B 201 -18.32 -16.10 37.21
N ILE B 202 -18.13 -16.90 36.17
CA ILE B 202 -16.83 -17.54 35.93
C ILE B 202 -15.82 -16.49 35.46
N PRO B 203 -14.57 -16.51 35.94
CA PRO B 203 -13.59 -15.51 35.49
C PRO B 203 -13.11 -15.73 34.06
N ILE B 204 -13.97 -15.48 33.07
CA ILE B 204 -13.60 -15.50 31.66
C ILE B 204 -13.66 -14.07 31.15
N HIS B 205 -12.55 -13.58 30.62
CA HIS B 205 -12.42 -12.16 30.28
C HIS B 205 -12.39 -11.85 28.79
N GLY B 206 -12.08 -12.84 27.93
CA GLY B 206 -11.87 -12.58 26.52
C GLY B 206 -12.34 -13.73 25.65
N ILE B 207 -12.63 -13.36 24.40
CA ILE B 207 -12.94 -14.31 23.33
C ILE B 207 -11.83 -14.19 22.30
N GLY B 208 -11.30 -15.33 21.85
CA GLY B 208 -10.23 -15.32 20.88
C GLY B 208 -10.75 -15.76 19.52
N MET B 209 -10.71 -14.85 18.54
CA MET B 209 -11.14 -15.13 17.17
C MET B 209 -9.92 -15.59 16.38
N GLN B 210 -9.88 -16.89 16.03
CA GLN B 210 -8.71 -17.41 15.34
C GLN B 210 -8.50 -16.73 13.98
N ALA B 211 -9.58 -16.49 13.23
CA ALA B 211 -9.52 -15.77 11.95
C ALA B 211 -8.67 -16.50 10.91
N HIS B 212 -8.90 -17.80 10.78
CA HIS B 212 -8.32 -18.59 9.68
C HIS B 212 -9.28 -18.48 8.50
N TRP B 213 -8.98 -17.57 7.58
CA TRP B 213 -9.94 -17.09 6.61
C TRP B 213 -9.47 -17.38 5.19
N SER B 214 -10.40 -17.26 4.24
CA SER B 214 -10.12 -17.39 2.82
C SER B 214 -10.27 -16.02 2.13
N LEU B 215 -10.14 -16.00 0.81
CA LEU B 215 -10.26 -14.74 0.08
C LEU B 215 -11.68 -14.21 0.05
N THR B 216 -12.68 -15.05 0.35
CA THR B 216 -14.08 -14.63 0.29
C THR B 216 -14.86 -14.92 1.57
N ARG B 217 -14.52 -15.99 2.30
CA ARG B 217 -15.32 -16.29 3.48
C ARG B 217 -14.48 -16.28 4.76
N PRO B 218 -15.03 -15.74 5.86
CA PRO B 218 -16.34 -15.11 5.97
C PRO B 218 -16.41 -13.76 5.25
N SER B 219 -17.63 -13.33 4.94
CA SER B 219 -17.85 -12.02 4.37
C SER B 219 -17.62 -10.92 5.41
N LEU B 220 -17.27 -9.73 4.92
CA LEU B 220 -17.06 -8.58 5.81
C LEU B 220 -18.26 -8.34 6.71
N ASP B 221 -19.47 -8.54 6.18
CA ASP B 221 -20.66 -8.35 7.01
C ASP B 221 -20.71 -9.40 8.12
N GLU B 222 -20.32 -10.64 7.83
CA GLU B 222 -20.29 -11.67 8.87
C GLU B 222 -19.26 -11.32 9.94
N ILE B 223 -18.11 -10.78 9.54
CA ILE B 223 -17.08 -10.41 10.51
C ILE B 223 -17.58 -9.29 11.40
N ARG B 224 -18.22 -8.28 10.80
CA ARG B 224 -18.74 -7.18 11.60
C ARG B 224 -19.81 -7.68 12.56
N ALA B 225 -20.68 -8.57 12.09
CA ALA B 225 -21.72 -9.15 12.93
C ALA B 225 -21.14 -9.87 14.14
N ALA B 226 -20.10 -10.68 13.91
CA ALA B 226 -19.50 -11.44 15.00
C ALA B 226 -18.85 -10.51 16.03
N ILE B 227 -18.16 -9.46 15.58
CA ILE B 227 -17.46 -8.57 16.50
C ILE B 227 -18.46 -7.90 17.45
N GLU B 228 -19.54 -7.36 16.90
CA GLU B 228 -20.54 -6.72 17.74
C GLU B 228 -21.19 -7.72 18.69
N ARG B 229 -21.55 -8.89 18.16
CA ARG B 229 -22.18 -9.91 18.97
C ARG B 229 -21.29 -10.31 20.14
N TYR B 230 -20.00 -10.50 19.87
CA TYR B 230 -19.07 -10.89 20.93
C TYR B 230 -18.80 -9.74 21.89
N ALA B 231 -18.57 -8.53 21.36
CA ALA B 231 -18.29 -7.37 22.20
C ALA B 231 -19.46 -7.04 23.12
N SER B 232 -20.70 -7.33 22.69
CA SER B 232 -21.86 -7.06 23.54
C SER B 232 -21.83 -7.86 24.84
N LEU B 233 -20.98 -8.89 24.94
CA LEU B 233 -20.78 -9.59 26.20
C LEU B 233 -19.86 -8.85 27.17
N GLY B 234 -19.23 -7.75 26.73
CA GLY B 234 -18.32 -7.04 27.60
C GLY B 234 -16.96 -7.68 27.77
N VAL B 235 -16.62 -8.65 26.92
CA VAL B 235 -15.32 -9.30 26.93
C VAL B 235 -14.35 -8.52 26.07
N VAL B 236 -13.06 -8.73 26.31
CA VAL B 236 -11.99 -8.27 25.43
C VAL B 236 -11.95 -9.19 24.21
N LEU B 237 -11.63 -8.63 23.03
CA LEU B 237 -11.49 -9.40 21.80
C LEU B 237 -10.04 -9.39 21.31
N HIS B 238 -9.50 -10.59 21.07
CA HIS B 238 -8.21 -10.79 20.42
C HIS B 238 -8.43 -11.59 19.13
N ILE B 239 -7.83 -11.13 18.03
CA ILE B 239 -7.67 -11.96 16.84
C ILE B 239 -6.40 -12.78 17.06
N THR B 240 -6.50 -14.12 17.06
CA THR B 240 -5.42 -14.93 17.62
C THR B 240 -4.58 -15.70 16.62
N GLY B 241 -5.05 -15.93 15.40
CA GLY B 241 -4.23 -16.61 14.42
C GLY B 241 -4.60 -16.29 13.00
N LEU B 242 -4.63 -15.00 12.68
CA LEU B 242 -5.03 -14.54 11.36
C LEU B 242 -4.12 -15.09 10.27
N ASP B 243 -4.74 -15.66 9.24
CA ASP B 243 -4.12 -15.86 7.93
C ASP B 243 -5.21 -15.84 6.86
N VAL B 244 -4.81 -15.64 5.60
CA VAL B 244 -5.74 -15.52 4.48
C VAL B 244 -5.30 -16.49 3.41
N SER B 245 -5.96 -17.65 3.34
CA SER B 245 -5.54 -18.71 2.44
C SER B 245 -5.81 -18.33 0.99
N MET B 246 -4.83 -18.65 0.11
CA MET B 246 -5.04 -18.48 -1.32
C MET B 246 -6.01 -19.49 -1.90
N PHE B 247 -6.52 -20.44 -1.11
CA PHE B 247 -7.49 -21.44 -1.58
C PHE B 247 -8.72 -21.41 -0.68
N GLU B 248 -9.90 -21.55 -1.28
CA GLU B 248 -11.09 -21.81 -0.47
C GLU B 248 -10.97 -23.19 0.16
N PHE B 249 -11.66 -23.38 1.30
CA PHE B 249 -11.34 -24.52 2.14
C PHE B 249 -11.67 -25.85 1.45
N HIS B 250 -12.72 -25.88 0.62
CA HIS B 250 -13.02 -27.03 -0.23
C HIS B 250 -12.09 -27.16 -1.44
N ASP B 251 -11.31 -26.13 -1.77
CA ASP B 251 -10.43 -26.18 -2.93
C ASP B 251 -9.15 -26.93 -2.60
N ARG B 252 -8.91 -28.00 -3.35
CA ARG B 252 -7.95 -29.03 -3.04
C ARG B 252 -6.84 -29.13 -4.09
N ARG B 253 -6.82 -28.20 -5.05
CA ARG B 253 -5.88 -28.31 -6.16
C ARG B 253 -4.43 -28.19 -5.69
N THR B 254 -3.55 -28.90 -6.39
CA THR B 254 -2.15 -28.98 -6.05
C THR B 254 -1.25 -28.54 -7.21
N ASP B 255 -1.80 -27.87 -8.21
CA ASP B 255 -1.06 -27.55 -9.45
C ASP B 255 -0.36 -26.20 -9.42
N LEU B 256 -0.59 -25.34 -8.41
CA LEU B 256 0.00 -24.02 -8.38
C LEU B 256 1.41 -24.09 -7.79
N ALA B 257 2.41 -23.69 -8.56
CA ALA B 257 3.75 -23.55 -7.98
C ALA B 257 3.97 -22.18 -7.35
N ALA B 258 3.12 -21.20 -7.68
CA ALA B 258 3.24 -19.83 -7.23
C ALA B 258 1.84 -19.23 -7.24
N PRO B 259 1.60 -18.19 -6.46
CA PRO B 259 0.28 -17.56 -6.51
C PRO B 259 0.09 -16.84 -7.82
N THR B 260 -1.12 -16.91 -8.35
CA THR B 260 -1.42 -16.12 -9.54
C THR B 260 -1.53 -14.65 -9.17
N SER B 261 -1.41 -13.78 -10.19
CA SER B 261 -1.49 -12.36 -9.93
C SER B 261 -2.87 -11.99 -9.39
N GLU B 262 -3.90 -12.73 -9.78
CA GLU B 262 -5.24 -12.48 -9.26
C GLU B 262 -5.37 -12.87 -7.79
N MET B 263 -4.68 -13.94 -7.37
CA MET B 263 -4.60 -14.28 -5.95
C MET B 263 -3.94 -13.15 -5.16
N ILE B 264 -2.78 -12.69 -5.66
CA ILE B 264 -2.03 -11.63 -4.99
C ILE B 264 -2.87 -10.36 -4.84
N GLU B 265 -3.53 -9.95 -5.92
CA GLU B 265 -4.30 -8.72 -5.89
C GLU B 265 -5.54 -8.87 -5.02
N ARG B 266 -6.24 -10.00 -5.11
CA ARG B 266 -7.40 -10.14 -4.26
C ARG B 266 -6.99 -10.31 -2.79
N GLN B 267 -5.86 -10.96 -2.53
CA GLN B 267 -5.38 -11.04 -1.14
C GLN B 267 -5.11 -9.65 -0.60
N ALA B 268 -4.51 -8.78 -1.42
CA ALA B 268 -4.21 -7.42 -1.00
C ALA B 268 -5.47 -6.65 -0.64
N GLU B 269 -6.49 -6.71 -1.52
CA GLU B 269 -7.76 -6.08 -1.21
C GLU B 269 -8.41 -6.70 0.03
N ARG B 270 -8.39 -8.02 0.15
CA ARG B 270 -8.98 -8.67 1.32
C ARG B 270 -8.32 -8.19 2.61
N TYR B 271 -6.98 -8.18 2.66
CA TYR B 271 -6.29 -7.74 3.86
C TYR B 271 -6.56 -6.25 4.15
N GLY B 272 -6.58 -5.42 3.10
CA GLY B 272 -6.96 -4.02 3.30
C GLY B 272 -8.33 -3.88 3.93
N GLN B 273 -9.32 -4.59 3.38
CA GLN B 273 -10.67 -4.54 3.94
C GLN B 273 -10.69 -5.03 5.39
N ILE B 274 -9.86 -6.03 5.71
CA ILE B 274 -9.89 -6.63 7.05
C ILE B 274 -9.34 -5.64 8.08
N PHE B 275 -8.20 -5.04 7.80
CA PHE B 275 -7.62 -4.14 8.79
C PHE B 275 -8.40 -2.83 8.91
N ALA B 276 -9.02 -2.36 7.82
CA ALA B 276 -9.95 -1.24 7.95
C ALA B 276 -11.09 -1.58 8.89
N LEU B 277 -11.59 -2.82 8.81
CA LEU B 277 -12.64 -3.25 9.73
C LEU B 277 -12.13 -3.38 11.18
N PHE B 278 -10.91 -3.89 11.36
CA PHE B 278 -10.35 -3.98 12.72
C PHE B 278 -10.14 -2.58 13.31
N LYS B 279 -9.53 -1.67 12.55
CA LYS B 279 -9.29 -0.31 13.03
C LYS B 279 -10.58 0.40 13.37
N GLU B 280 -11.65 0.09 12.63
CA GLU B 280 -12.97 0.60 12.97
C GLU B 280 -13.37 0.16 14.38
N TYR B 281 -13.00 -1.05 14.77
CA TYR B 281 -13.42 -1.62 16.05
C TYR B 281 -12.29 -1.64 17.08
N ARG B 282 -11.36 -0.68 16.97
CA ARG B 282 -10.24 -0.57 17.90
C ARG B 282 -10.67 -0.52 19.37
N ASP B 283 -11.90 -0.09 19.66
CA ASP B 283 -12.32 0.00 21.06
C ASP B 283 -12.49 -1.37 21.70
N VAL B 284 -12.79 -2.41 20.91
CA VAL B 284 -13.01 -3.73 21.47
C VAL B 284 -11.92 -4.73 21.10
N ILE B 285 -11.16 -4.48 20.04
CA ILE B 285 -10.07 -5.36 19.63
C ILE B 285 -8.79 -4.82 20.24
N GLN B 286 -8.14 -5.64 21.07
CA GLN B 286 -6.92 -5.21 21.74
C GLN B 286 -5.67 -5.84 21.16
N SER B 287 -5.79 -6.84 20.29
CA SER B 287 -4.61 -7.51 19.77
C SER B 287 -4.98 -8.31 18.52
N VAL B 288 -4.09 -8.28 17.54
CA VAL B 288 -4.22 -9.02 16.28
C VAL B 288 -2.93 -9.81 16.08
N THR B 289 -3.01 -11.12 16.23
CA THR B 289 -1.88 -12.02 16.03
C THR B 289 -2.08 -12.81 14.74
N PHE B 290 -1.05 -12.80 13.86
CA PHE B 290 -0.98 -13.69 12.70
C PHE B 290 -0.50 -15.07 13.13
N TRP B 291 -0.93 -16.09 12.38
CA TRP B 291 -0.47 -17.47 12.67
C TRP B 291 0.77 -17.80 11.84
N GLY B 292 1.82 -17.05 12.13
CA GLY B 292 3.04 -16.97 11.38
C GLY B 292 3.38 -15.53 11.23
N ILE B 293 4.34 -15.23 10.36
CA ILE B 293 4.60 -13.84 9.98
C ILE B 293 4.98 -13.75 8.49
N ALA B 294 5.62 -14.77 7.94
CA ALA B 294 6.02 -14.71 6.54
C ALA B 294 5.75 -16.03 5.86
N ASP B 295 5.56 -15.98 4.54
CA ASP B 295 5.16 -17.16 3.77
C ASP B 295 6.24 -18.24 3.68
N ASP B 296 7.43 -18.05 4.26
CA ASP B 296 8.33 -19.21 4.32
C ASP B 296 7.96 -20.21 5.41
N HIS B 297 7.04 -19.89 6.31
CA HIS B 297 6.58 -20.86 7.31
CA HIS B 297 6.56 -20.88 7.28
C HIS B 297 5.10 -20.63 7.59
N THR B 298 4.25 -21.62 7.28
CA THR B 298 2.83 -21.52 7.56
C THR B 298 2.24 -22.93 7.64
N TRP B 299 1.43 -23.18 8.67
CA TRP B 299 0.77 -24.48 8.79
C TRP B 299 -0.16 -24.76 7.60
N LEU B 300 -0.51 -23.74 6.81
CA LEU B 300 -1.37 -23.99 5.67
C LEU B 300 -0.65 -24.70 4.54
N ASP B 301 0.68 -24.83 4.62
CA ASP B 301 1.44 -25.58 3.63
C ASP B 301 1.19 -27.08 3.74
N ASN B 302 0.58 -27.53 4.84
CA ASN B 302 0.30 -28.94 5.02
C ASN B 302 -1.13 -29.20 5.44
N PHE B 303 -1.98 -28.16 5.49
CA PHE B 303 -3.37 -28.31 5.83
C PHE B 303 -4.15 -27.32 4.98
N PRO B 304 -5.27 -27.75 4.33
CA PRO B 304 -5.78 -29.12 4.42
C PRO B 304 -5.18 -30.11 3.43
N VAL B 305 -4.12 -29.73 2.72
CA VAL B 305 -3.47 -30.61 1.75
C VAL B 305 -1.99 -30.72 2.07
N HIS B 306 -1.50 -31.95 2.18
CA HIS B 306 -0.11 -32.18 2.56
C HIS B 306 0.80 -31.80 1.40
N GLY B 307 1.79 -30.96 1.69
CA GLY B 307 2.74 -30.57 0.67
C GLY B 307 2.24 -29.65 -0.42
N ARG B 308 1.09 -28.99 -0.23
CA ARG B 308 0.63 -27.96 -1.16
C ARG B 308 1.01 -26.60 -0.61
N LYS B 309 1.90 -25.89 -1.32
CA LYS B 309 2.34 -24.59 -0.83
C LYS B 309 1.22 -23.57 -0.85
N ASN B 310 1.18 -22.72 0.19
CA ASN B 310 0.23 -21.62 0.29
C ASN B 310 1.02 -20.34 0.58
N TRP B 311 0.35 -19.19 0.40
CA TRP B 311 1.01 -17.89 0.55
C TRP B 311 0.10 -16.95 1.33
N PRO B 312 -0.09 -17.20 2.62
CA PRO B 312 -1.22 -16.61 3.37
C PRO B 312 -0.94 -15.32 4.14
N LEU B 313 0.29 -14.82 4.15
CA LEU B 313 0.71 -13.80 5.12
C LEU B 313 1.11 -12.50 4.41
N LEU B 314 1.61 -11.54 5.21
CA LEU B 314 1.93 -10.20 4.70
C LEU B 314 3.32 -10.11 4.06
N PHE B 315 4.25 -10.98 4.41
CA PHE B 315 5.59 -10.97 3.85
C PHE B 315 5.84 -12.27 3.07
N ASP B 316 6.61 -12.18 1.99
CA ASP B 316 6.79 -13.33 1.12
C ASP B 316 7.93 -14.20 1.67
N GLU B 317 8.26 -15.28 0.94
CA GLU B 317 9.25 -16.25 1.39
C GLU B 317 10.64 -15.65 1.52
N GLN B 318 10.88 -14.50 0.90
CA GLN B 318 12.12 -13.75 1.04
C GLN B 318 12.00 -12.64 2.09
N HIS B 319 10.92 -12.63 2.87
CA HIS B 319 10.67 -11.67 3.94
C HIS B 319 10.50 -10.25 3.41
N LYS B 320 10.09 -10.10 2.16
CA LYS B 320 9.77 -8.83 1.53
C LYS B 320 8.27 -8.58 1.58
N PRO B 321 7.84 -7.32 1.65
CA PRO B 321 6.40 -7.03 1.75
C PRO B 321 5.66 -7.35 0.46
N LYS B 322 4.52 -7.98 0.61
CA LYS B 322 3.60 -8.27 -0.48
C LYS B 322 2.57 -7.16 -0.60
N PRO B 323 1.88 -7.07 -1.74
CA PRO B 323 0.79 -6.08 -1.85
C PRO B 323 -0.14 -6.06 -0.63
N ALA B 324 -0.45 -7.24 -0.08
CA ALA B 324 -1.24 -7.32 1.16
C ALA B 324 -0.65 -6.45 2.27
N PHE B 325 0.67 -6.45 2.44
CA PHE B 325 1.29 -5.59 3.46
C PHE B 325 0.95 -4.12 3.22
N TRP B 326 1.13 -3.64 1.99
CA TRP B 326 0.98 -2.21 1.72
C TRP B 326 -0.49 -1.78 1.87
N ARG B 327 -1.43 -2.59 1.38
CA ARG B 327 -2.84 -2.28 1.61
C ARG B 327 -3.19 -2.30 3.10
N ALA B 328 -2.57 -3.21 3.86
CA ALA B 328 -2.93 -3.33 5.28
C ALA B 328 -2.55 -2.09 6.07
N VAL B 329 -1.32 -1.57 5.86
CA VAL B 329 -0.88 -0.37 6.57
C VAL B 329 -1.43 0.93 5.98
N SER B 330 -2.12 0.85 4.84
CA SER B 330 -2.72 2.01 4.19
C SER B 330 -4.00 2.48 4.88
N VAL B 331 -4.63 1.64 5.69
CA VAL B 331 -5.96 1.95 6.24
C VAL B 331 -5.89 3.02 7.33
#